data_9EF2
#
_entry.id   9EF2
#
_cell.length_a   1.00
_cell.length_b   1.00
_cell.length_c   1.00
_cell.angle_alpha   90.00
_cell.angle_beta   90.00
_cell.angle_gamma   90.00
#
_symmetry.space_group_name_H-M   'P 1'
#
loop_
_entity.id
_entity.type
_entity.pdbx_description
1 polymer 'Integrin alpha-5'
2 polymer 'Integrin beta-1'
3 polymer 'NeoNectin candidate 2'
4 branched 2-acetamido-2-deoxy-beta-D-glucopyranose-(1-4)-2-acetamido-2-deoxy-beta-D-glucopyranose
5 branched alpha-D-mannopyranose-(1-3)-alpha-D-mannopyranose-(1-6)-[alpha-D-mannopyranose-(1-3)]beta-D-mannopyranose-(1-4)-2-acetamido-2-deoxy-beta-D-glucopyranose-(1-4)-2-acetamido-2-deoxy-beta-D-glucopyranose
6 branched 2-acetamido-2-deoxy-beta-D-glucopyranose-(1-4)-[alpha-L-fucopyranose-(1-6)]2-acetamido-2-deoxy-beta-D-glucopyranose
7 non-polymer 'CALCIUM ION'
8 non-polymer 2-acetamido-2-deoxy-beta-D-glucopyranose
9 non-polymer 'MANGANESE (II) ION'
#
loop_
_entity_poly.entity_id
_entity_poly.type
_entity_poly.pdbx_seq_one_letter_code
_entity_poly.pdbx_strand_id
1 'polypeptide(L)'
;MGSRTPESPLHAVQLRWGPRRRPPLLPLLLLLLPPPPRVGGFNLDAEAPAVLSGPPGSFFGFSVEFYRPGTDGVSVLVGA
PKANTSQPGVLQGGAVYLCPWGASPTQCTPIEFDSKGSRLLESSLSSSEGEEPVEYKSLQWFGATVRAHGSSILACAPLY
SWRTEKEPLSDPVGTCYLSTDNFTRILEYAPCRSDFSWAAGQGYCQGGFSAEFTKTGRVVLGGPGSYFWQGQILSATQEQ
IAESYYPEYLINLVQGQLQTRQASSIYDDSYLGYSVAVGEFSGDDTEDFVAGVPKGNLTYGYVTILNGSDIRSLYNFSGE
QMASYFGYAVAATDVNGDGLDDLLVGAPLLMDRTPDGRPQEVGRVYVYLQHPAGIEPTPTLTLTGHDEFGRFGSSLTPLG
DLDQDGYNDVAIGAPFGGETQQGVVFVFPGGPGGLGSKPSQVLQPLWAASHTPDFFGSALRGGRDLDGNGYPDLIVGSFG
VDKAVVYRGRPIVSASASLTIFPAMFNPEERSCSLEGNPVACINLSFCLNASGKHVADSIGFTVELQLDWQKQKGGVRRA
LFLASRQATLTQTLLIQNGAREDCREMKIYLRNESEFRDKLSPIHIALNFSLDPQAPVDSHGLRPALHYQSKSRIEDKAQ
ILLDCGEDNICVPDLQLEVFGEQNHVYLGDKNALNLTFHAQNVGEGGAYEAELRVTAPPEAEYSGLVRHPGNFSSLSCDY
FAVNQSRLLVCDLGNPMKAGASLWGGLRFTVPHLRDTKKTIQFDFQILSKNLNNSQSDVVSFRLSVEAQAQVTLNGVSKP
EAVLFPVSDWHPRDQPQKEEDLGPAVHHVYELINQGPSSISQGVLELSCPQALEGQQLLYVTRVTGLNCTTNHPINPKGL
ELDPEGSLHHQQKREAPSRSSASSGPQILKCPEAECFRLRCELGPLHQQESQSLQLHFRVWAKTFLQREHQPFSLQCEAV
YKALKMPYRILPRQLPQKERQVATAVQWTKAEGSYGTGGLEVLFQ
;
A
2 'polypeptide(L)'
;MNLQPIFWIGLISSVCCVFAQTDENRCLKANAKSCGECIQAGPNCGWCTNSTFLQEGMPTSARCDDLEALKKKGCPPDDI
ENPRGSKDIKKNKNVTNRSKGTAEKLKPEDITQIQPQQLVLRLRSGEPQTFTLKFKRAEDYPIDLYYLMDLSYSMKDDLE
NVKSLGTDLMNEMRRITSDFRIGFGSFVEKTVMPYISTTPAKLRNPCTSEQNCTSPFSYKNVLSLTNKGEVFNELVGKQR
ISGNLDSPEGGFDAIMQVAVCGSLIGWRNVTRLLVFSTDAGFHFAGDGKLGGIVLPNDGQCHLENNMYTMSHYYDYPSIA
HLVQKLSENNIQTIFAVTEEFQPVYKELKNLIPKSAVGTLSANSSNVIQLIIDAYNSLSSEVILENGKLSEGVTISYKSY
CKNGVNGTGENGRKCSNISIGDEVQFEISITSNKCPKKDSDSFKIRPLGFTEEVEVILQYICECECQSEGIPESPKCHEG
NGTFECGACRCNEGRVGRHCECSTDEVNSEDMDAYCRKENSSEICSNNGECVCGQCVCRKRDNTNEIYSGKFCECDNFNC
DRSNGLICGGNGVCKCRVCECNPNYTGSACDCSLDTSTCEASNGQICNGRGICECGVCKCTDPKFQGQTCEMCQTCLGVC
AEHKECVQCRAFNKGEKKDTCTQECSYFNITKVESRDKLPQPVQPDPVSHCKEKDVDDCWFYFTYSVNGNNEVMVHVVEN
PECPTGPDDTSGLEVLFQ
;
B
3 'polypeptide(L)'
;MGLNDIFEAQKIEWHEGGSGGGEVEVHGRGDIPRSSLELFEKVAKELGLKVERNHRTVTVKGVSEEQIRELEEVAKKLGL
WVLVRVTEGGSLEHHHHHH
;
C
#
loop_
_chem_comp.id
_chem_comp.type
_chem_comp.name
_chem_comp.formula
BMA D-saccharide, beta linking beta-D-mannopyranose 'C6 H12 O6'
CA non-polymer 'CALCIUM ION' 'Ca 2'
FUC L-saccharide, alpha linking alpha-L-fucopyranose 'C6 H12 O5'
MAN D-saccharide, alpha linking alpha-D-mannopyranose 'C6 H12 O6'
MN non-polymer 'MANGANESE (II) ION' 'Mn 2'
NAG D-saccharide, beta linking 2-acetamido-2-deoxy-beta-D-glucopyranose 'C8 H15 N O6'
#
# COMPACT_ATOMS: atom_id res chain seq x y z
N PHE A 42 19.14 27.10 -6.71
CA PHE A 42 19.32 28.29 -7.53
C PHE A 42 19.70 27.95 -8.96
N ASN A 43 20.91 27.42 -9.13
CA ASN A 43 21.45 27.13 -10.46
C ASN A 43 20.93 25.78 -10.95
N LEU A 44 19.74 25.79 -11.53
CA LEU A 44 19.16 24.60 -12.16
C LEU A 44 18.37 25.08 -13.38
N ASP A 45 18.99 24.98 -14.56
CA ASP A 45 18.40 25.54 -15.77
C ASP A 45 17.24 24.69 -16.23
N ALA A 46 16.05 25.29 -16.28
CA ALA A 46 14.84 24.60 -16.73
C ALA A 46 14.19 25.30 -17.91
N GLU A 47 14.97 26.10 -18.66
CA GLU A 47 14.41 26.76 -19.84
C GLU A 47 13.99 25.75 -20.90
N ALA A 48 14.80 24.72 -21.10
CA ALA A 48 14.49 23.66 -22.08
C ALA A 48 15.17 22.37 -21.66
N PRO A 49 14.59 21.68 -20.69
CA PRO A 49 15.17 20.41 -20.25
C PRO A 49 15.10 19.36 -21.35
N ALA A 50 16.07 18.45 -21.35
CA ALA A 50 16.00 17.31 -22.25
C ALA A 50 14.90 16.38 -21.80
N VAL A 51 14.03 15.97 -22.73
CA VAL A 51 12.85 15.18 -22.41
C VAL A 51 12.91 13.88 -23.21
N LEU A 52 12.77 12.76 -22.51
CA LEU A 52 12.77 11.44 -23.11
C LEU A 52 11.34 10.93 -23.19
N SER A 53 10.95 10.44 -24.36
CA SER A 53 9.58 9.98 -24.60
C SER A 53 9.57 8.49 -24.88
N GLY A 54 8.70 7.77 -24.19
CA GLY A 54 8.55 6.35 -24.38
C GLY A 54 7.27 5.99 -25.11
N PRO A 55 6.97 4.70 -25.22
CA PRO A 55 5.78 4.29 -25.95
C PRO A 55 4.52 4.72 -25.21
N PRO A 56 3.44 5.00 -25.93
CA PRO A 56 2.21 5.43 -25.27
C PRO A 56 1.57 4.32 -24.47
N GLY A 57 0.91 4.71 -23.39
CA GLY A 57 0.22 3.76 -22.53
C GLY A 57 1.13 2.72 -21.92
N SER A 58 2.30 3.13 -21.41
CA SER A 58 3.28 2.18 -20.90
C SER A 58 3.84 2.59 -19.54
N PHE A 59 3.33 3.65 -18.93
CA PHE A 59 3.84 4.14 -17.65
C PHE A 59 5.35 4.42 -17.71
N PHE A 60 5.83 4.80 -18.88
CA PHE A 60 7.24 5.11 -19.08
C PHE A 60 7.69 6.21 -18.14
N GLY A 61 8.63 5.90 -17.26
CA GLY A 61 9.11 6.84 -16.28
C GLY A 61 8.64 6.59 -14.86
N PHE A 62 8.19 5.39 -14.54
CA PHE A 62 7.74 5.09 -13.18
C PHE A 62 8.89 5.19 -12.19
N SER A 63 10.08 4.77 -12.59
CA SER A 63 11.28 4.90 -11.78
C SER A 63 12.46 5.21 -12.68
N VAL A 64 13.38 6.04 -12.19
CA VAL A 64 14.51 6.50 -12.99
C VAL A 64 15.79 6.37 -12.18
N GLU A 65 16.91 6.32 -12.88
CA GLU A 65 18.22 6.22 -12.24
C GLU A 65 19.29 6.58 -13.24
N PHE A 66 20.49 6.83 -12.73
CA PHE A 66 21.67 7.05 -13.57
C PHE A 66 22.46 5.75 -13.70
N TYR A 67 23.33 5.70 -14.71
CA TYR A 67 24.16 4.51 -14.92
C TYR A 67 25.42 4.96 -15.62
N ARG A 68 26.55 4.94 -14.90
CA ARG A 68 27.84 5.38 -15.42
C ARG A 68 28.90 4.33 -15.07
N PRO A 69 29.05 3.30 -15.91
CA PRO A 69 30.05 2.24 -15.68
C PRO A 69 31.47 2.73 -15.86
N GLY A 73 30.88 6.87 -20.82
CA GLY A 73 29.62 6.54 -21.47
C GLY A 73 28.45 6.54 -20.52
N VAL A 74 28.14 7.72 -19.97
CA VAL A 74 27.05 7.82 -19.01
C VAL A 74 25.71 7.62 -19.72
N SER A 75 24.72 7.17 -18.96
CA SER A 75 23.41 6.85 -19.52
C SER A 75 22.35 6.97 -18.44
N VAL A 76 21.10 7.02 -18.86
CA VAL A 76 19.96 7.18 -17.97
C VAL A 76 19.06 5.96 -18.11
N LEU A 77 18.79 5.30 -17.00
CA LEU A 77 17.89 4.15 -16.97
C LEU A 77 16.51 4.61 -16.55
N VAL A 78 15.49 4.18 -17.29
CA VAL A 78 14.10 4.48 -16.93
C VAL A 78 13.30 3.18 -16.97
N GLY A 79 12.23 3.14 -16.18
CA GLY A 79 11.40 1.96 -16.13
C GLY A 79 10.17 2.09 -17.01
N ALA A 80 9.53 0.94 -17.26
CA ALA A 80 8.29 0.90 -18.01
C ALA A 80 7.50 -0.30 -17.55
N PRO A 81 6.66 -0.13 -16.53
CA PRO A 81 5.91 -1.28 -15.99
C PRO A 81 4.97 -1.91 -17.00
N LYS A 82 4.15 -1.11 -17.69
CA LYS A 82 3.22 -1.65 -18.66
C LYS A 82 3.76 -1.51 -20.08
N ALA A 83 4.90 -2.15 -20.34
CA ALA A 83 5.50 -2.15 -21.66
C ALA A 83 5.26 -3.49 -22.34
N ASN A 84 5.13 -3.45 -23.67
CA ASN A 84 4.84 -4.65 -24.46
C ASN A 84 6.17 -5.24 -24.92
N THR A 85 6.68 -6.18 -24.15
CA THR A 85 7.94 -6.82 -24.49
C THR A 85 7.75 -7.81 -25.63
N SER A 86 8.88 -8.26 -26.18
CA SER A 86 8.86 -9.22 -27.29
C SER A 86 8.88 -10.67 -26.84
N GLN A 87 9.00 -10.92 -25.54
CA GLN A 87 9.04 -12.29 -25.06
C GLN A 87 7.68 -12.97 -25.28
N PRO A 88 7.68 -14.21 -25.78
CA PRO A 88 6.41 -14.85 -26.14
C PRO A 88 5.53 -15.11 -24.93
N GLY A 89 4.23 -15.06 -25.17
CA GLY A 89 3.25 -15.41 -24.15
C GLY A 89 3.18 -14.46 -22.97
N VAL A 90 3.76 -13.26 -23.09
CA VAL A 90 3.78 -12.29 -22.00
C VAL A 90 3.03 -11.05 -22.47
N LEU A 91 2.11 -10.58 -21.63
CA LEU A 91 1.29 -9.40 -21.94
C LEU A 91 1.65 -8.30 -20.95
N GLN A 92 2.14 -7.17 -21.46
CA GLN A 92 2.55 -6.04 -20.63
C GLN A 92 3.56 -6.46 -19.57
N GLY A 93 4.59 -7.18 -20.01
CA GLY A 93 5.62 -7.61 -19.08
C GLY A 93 6.40 -6.46 -18.47
N GLY A 94 6.57 -5.38 -19.24
CA GLY A 94 7.36 -4.26 -18.80
C GLY A 94 8.85 -4.47 -19.05
N ALA A 95 9.59 -3.36 -19.05
CA ALA A 95 11.01 -3.43 -19.33
C ALA A 95 11.69 -2.18 -18.78
N VAL A 96 12.96 -2.00 -19.11
CA VAL A 96 13.71 -0.79 -18.80
C VAL A 96 14.28 -0.25 -20.10
N TYR A 97 14.39 1.06 -20.18
CA TYR A 97 14.95 1.74 -21.33
C TYR A 97 16.25 2.42 -20.92
N LEU A 98 17.33 2.09 -21.61
CA LEU A 98 18.63 2.69 -21.37
C LEU A 98 18.82 3.78 -22.41
N CYS A 99 18.49 5.01 -22.03
CA CYS A 99 18.69 6.14 -22.93
C CYS A 99 20.14 6.60 -22.82
N PRO A 100 20.93 6.47 -23.89
CA PRO A 100 22.33 6.89 -23.82
C PRO A 100 22.43 8.41 -23.94
N TRP A 101 22.93 9.04 -22.88
CA TRP A 101 23.05 10.49 -22.89
C TRP A 101 24.11 10.93 -23.89
N GLY A 102 23.83 12.04 -24.58
CA GLY A 102 24.77 12.59 -25.53
C GLY A 102 24.21 12.67 -26.93
N ALA A 103 23.44 11.66 -27.34
CA ALA A 103 22.82 11.67 -28.65
C ALA A 103 21.80 12.79 -28.75
N SER A 104 21.75 13.44 -29.91
CA SER A 104 20.88 14.59 -30.13
C SER A 104 19.41 14.26 -29.88
N PRO A 105 18.85 13.17 -30.42
CA PRO A 105 17.48 12.81 -30.09
C PRO A 105 17.32 11.83 -28.94
N THR A 106 18.44 11.36 -28.36
CA THR A 106 18.50 10.40 -27.27
C THR A 106 17.44 9.31 -27.43
N GLN A 107 17.48 8.59 -28.55
CA GLN A 107 16.52 7.54 -28.86
C GLN A 107 16.72 6.37 -27.90
N CYS A 108 15.81 6.26 -26.94
CA CYS A 108 15.87 5.21 -25.93
C CYS A 108 15.63 3.83 -26.54
N THR A 109 16.41 2.84 -26.12
CA THR A 109 16.26 1.46 -26.56
C THR A 109 16.09 0.56 -25.35
N PRO A 110 15.27 -0.49 -25.43
CA PRO A 110 15.06 -1.35 -24.27
C PRO A 110 16.25 -2.26 -24.01
N ILE A 111 16.22 -2.90 -22.84
CA ILE A 111 17.25 -3.86 -22.44
C ILE A 111 16.59 -5.23 -22.31
N GLU A 112 17.16 -6.22 -22.99
CA GLU A 112 16.62 -7.57 -22.99
C GLU A 112 17.12 -8.31 -21.74
N PHE A 113 16.54 -7.93 -20.60
CA PHE A 113 16.88 -8.60 -19.34
C PHE A 113 16.51 -10.07 -19.38
N ASP A 114 15.34 -10.39 -19.93
CA ASP A 114 14.86 -11.77 -19.99
C ASP A 114 14.08 -11.95 -21.29
N SER A 115 14.47 -12.96 -22.07
CA SER A 115 13.77 -13.25 -23.31
C SER A 115 12.78 -14.40 -23.19
N LYS A 116 13.01 -15.32 -22.26
CA LYS A 116 12.09 -16.44 -22.09
C LYS A 116 10.79 -15.97 -21.46
N GLY A 117 9.70 -16.61 -21.87
CA GLY A 117 8.38 -16.30 -21.36
C GLY A 117 8.13 -16.93 -20.00
N SER A 118 6.86 -17.19 -19.71
CA SER A 118 6.51 -17.86 -18.46
C SER A 118 6.95 -19.31 -18.50
N ARG A 119 7.72 -19.71 -17.49
CA ARG A 119 8.31 -21.04 -17.47
C ARG A 119 7.24 -22.11 -17.28
N LEU A 120 7.37 -23.20 -18.03
CA LEU A 120 6.44 -24.32 -17.88
C LEU A 120 6.69 -25.05 -16.57
N LEU A 121 5.65 -25.69 -16.07
CA LEU A 121 5.74 -26.45 -14.83
C LEU A 121 6.41 -27.79 -15.11
N GLU A 122 7.40 -28.12 -14.28
CA GLU A 122 8.09 -29.41 -14.40
C GLU A 122 7.15 -30.56 -14.09
N SER A 123 7.23 -31.61 -14.88
CA SER A 123 6.43 -32.83 -14.69
C SER A 123 4.96 -32.60 -15.02
N SER A 124 4.58 -31.37 -15.35
CA SER A 124 3.23 -31.13 -15.83
C SER A 124 3.09 -31.57 -17.29
N LEU A 125 4.13 -31.34 -18.09
CA LEU A 125 4.10 -31.79 -19.48
C LEU A 125 4.08 -33.30 -19.57
N SER A 126 4.61 -33.99 -18.57
CA SER A 126 4.63 -35.44 -18.56
C SER A 126 3.24 -36.02 -18.30
N GLY A 130 -2.55 -31.14 -20.39
CA GLY A 130 -1.70 -30.20 -21.07
C GLY A 130 -0.72 -29.51 -20.14
N GLU A 131 0.08 -28.61 -20.69
CA GLU A 131 1.07 -27.88 -19.91
C GLU A 131 0.39 -26.82 -19.05
N GLU A 132 1.08 -26.42 -17.98
CA GLU A 132 0.60 -25.37 -17.09
C GLU A 132 1.74 -24.43 -16.74
N PRO A 133 1.55 -23.13 -16.84
CA PRO A 133 2.61 -22.20 -16.41
C PRO A 133 2.87 -22.32 -14.92
N VAL A 134 4.15 -22.45 -14.56
CA VAL A 134 4.53 -22.49 -13.16
C VAL A 134 4.63 -21.10 -12.57
N GLU A 135 4.77 -20.07 -13.41
CA GLU A 135 4.79 -18.68 -12.98
C GLU A 135 3.87 -17.89 -13.88
N TYR A 136 3.63 -16.63 -13.51
CA TYR A 136 2.77 -15.73 -14.26
C TYR A 136 3.51 -14.41 -14.45
N LYS A 137 4.11 -14.24 -15.61
CA LYS A 137 4.85 -13.01 -15.91
C LYS A 137 3.97 -11.91 -16.48
N SER A 138 2.72 -12.22 -16.85
CA SER A 138 1.84 -11.20 -17.41
C SER A 138 1.49 -10.17 -16.34
N LEU A 139 1.58 -8.90 -16.70
CA LEU A 139 1.27 -7.80 -15.79
C LEU A 139 2.10 -7.90 -14.51
N GLN A 140 3.39 -8.22 -14.66
CA GLN A 140 4.28 -8.36 -13.51
C GLN A 140 4.92 -7.05 -13.10
N TRP A 141 4.67 -5.96 -13.83
CA TRP A 141 5.22 -4.64 -13.50
C TRP A 141 6.73 -4.67 -13.41
N PHE A 142 7.37 -5.43 -14.30
CA PHE A 142 8.82 -5.46 -14.32
C PHE A 142 9.38 -4.10 -14.70
N GLY A 143 10.39 -3.65 -13.98
CA GLY A 143 10.94 -2.33 -14.17
C GLY A 143 10.39 -1.27 -13.26
N ALA A 144 9.53 -1.65 -12.30
CA ALA A 144 8.96 -0.67 -11.37
C ALA A 144 9.99 -0.07 -10.44
N THR A 145 11.19 -0.65 -10.35
CA THR A 145 12.25 -0.10 -9.51
C THR A 145 13.58 -0.43 -10.15
N VAL A 146 14.32 0.59 -10.55
CA VAL A 146 15.62 0.44 -11.21
C VAL A 146 16.66 1.18 -10.39
N ARG A 147 17.71 0.48 -9.99
CA ARG A 147 18.79 1.06 -9.20
C ARG A 147 20.12 0.59 -9.76
N ALA A 148 21.04 1.53 -9.98
CA ALA A 148 22.34 1.20 -10.56
C ALA A 148 23.44 1.71 -9.67
N HIS A 149 24.42 0.85 -9.40
CA HIS A 149 25.62 1.23 -8.66
C HIS A 149 26.84 0.69 -9.39
N GLY A 150 27.79 1.57 -9.68
CA GLY A 150 28.92 1.15 -10.49
C GLY A 150 28.46 0.66 -11.84
N SER A 151 28.90 -0.54 -12.21
CA SER A 151 28.44 -1.18 -13.44
C SER A 151 27.31 -2.17 -13.20
N SER A 152 26.79 -2.25 -11.99
CA SER A 152 25.75 -3.20 -11.64
C SER A 152 24.38 -2.54 -11.71
N ILE A 153 23.42 -3.25 -12.30
CA ILE A 153 22.06 -2.76 -12.48
C ILE A 153 21.11 -3.73 -11.79
N LEU A 154 20.07 -3.19 -11.16
CA LEU A 154 19.08 -4.00 -10.47
C LEU A 154 17.70 -3.51 -10.87
N ALA A 155 16.93 -4.38 -11.53
CA ALA A 155 15.58 -4.04 -11.97
C ALA A 155 14.61 -5.02 -11.32
N CYS A 156 13.69 -4.50 -10.53
CA CYS A 156 12.79 -5.35 -9.75
C CYS A 156 11.40 -5.40 -10.37
N ALA A 157 10.64 -6.41 -9.95
CA ALA A 157 9.28 -6.65 -10.42
C ALA A 157 8.46 -7.09 -9.22
N PRO A 158 7.64 -6.21 -8.66
CA PRO A 158 6.90 -6.53 -7.45
C PRO A 158 5.70 -7.43 -7.69
N LEU A 159 5.00 -7.22 -8.79
CA LEU A 159 3.73 -7.90 -9.02
C LEU A 159 3.89 -9.29 -9.63
N TYR A 160 5.12 -9.73 -9.88
CA TYR A 160 5.33 -11.07 -10.40
C TYR A 160 4.81 -12.10 -9.40
N SER A 161 4.01 -13.04 -9.89
CA SER A 161 3.41 -14.07 -9.07
C SER A 161 3.65 -15.44 -9.69
N TRP A 162 3.85 -16.44 -8.84
CA TRP A 162 4.10 -17.79 -9.30
C TRP A 162 3.26 -18.77 -8.50
N ARG A 163 2.98 -19.91 -9.12
CA ARG A 163 2.24 -20.99 -8.48
C ARG A 163 3.21 -22.02 -7.95
N THR A 164 3.16 -22.27 -6.65
CA THR A 164 4.03 -23.26 -6.05
C THR A 164 3.73 -24.64 -6.61
N GLU A 165 4.76 -25.48 -6.70
CA GLU A 165 4.56 -26.84 -7.20
C GLU A 165 3.63 -27.64 -6.31
N LYS A 166 3.72 -27.45 -4.99
CA LYS A 166 2.97 -28.30 -4.07
C LYS A 166 1.47 -28.08 -4.19
N GLU A 167 1.04 -26.83 -4.17
CA GLU A 167 -0.38 -26.50 -4.23
C GLU A 167 -0.64 -25.47 -5.31
N PRO A 168 -1.84 -25.46 -5.90
CA PRO A 168 -2.10 -24.57 -7.04
C PRO A 168 -2.33 -23.12 -6.64
N LEU A 169 -1.98 -22.75 -5.41
CA LEU A 169 -2.13 -21.38 -4.98
C LEU A 169 -1.19 -20.46 -5.77
N SER A 170 -1.55 -19.18 -5.81
CA SER A 170 -0.75 -18.16 -6.46
C SER A 170 -0.45 -17.04 -5.48
N ASP A 171 0.80 -16.56 -5.49
CA ASP A 171 1.19 -15.50 -4.59
C ASP A 171 2.27 -14.64 -5.23
N PRO A 172 2.14 -13.32 -5.16
CA PRO A 172 3.11 -12.40 -5.77
C PRO A 172 4.41 -12.24 -4.99
N VAL A 173 5.34 -13.17 -5.23
CA VAL A 173 6.64 -13.10 -4.56
C VAL A 173 7.46 -11.93 -5.09
N GLY A 174 7.48 -11.73 -6.41
CA GLY A 174 8.24 -10.64 -6.99
C GLY A 174 9.73 -10.95 -7.09
N THR A 175 10.36 -10.56 -8.19
CA THR A 175 11.75 -10.96 -8.44
C THR A 175 12.53 -9.77 -8.96
N CYS A 176 13.85 -9.79 -8.72
CA CYS A 176 14.71 -8.72 -9.20
C CYS A 176 15.82 -9.32 -10.05
N TYR A 177 16.02 -8.76 -11.24
CA TYR A 177 17.13 -9.18 -12.09
C TYR A 177 18.31 -8.24 -11.88
N LEU A 178 19.47 -8.84 -11.68
CA LEU A 178 20.70 -8.12 -11.35
C LEU A 178 21.72 -8.39 -12.44
N SER A 179 22.08 -7.35 -13.19
CA SER A 179 23.08 -7.45 -14.24
C SER A 179 24.41 -6.95 -13.71
N THR A 180 25.43 -7.81 -13.72
CA THR A 180 26.72 -7.48 -13.16
C THR A 180 27.80 -7.47 -14.23
N ASP A 181 28.87 -6.74 -13.96
CA ASP A 181 30.00 -6.60 -14.90
C ASP A 181 29.49 -6.16 -16.27
N ASN A 182 28.94 -4.94 -16.29
CA ASN A 182 28.13 -4.48 -17.42
C ASN A 182 27.02 -5.49 -17.65
N PHE A 183 26.88 -5.97 -18.88
CA PHE A 183 25.84 -6.95 -19.19
C PHE A 183 26.42 -8.32 -19.54
N THR A 184 27.61 -8.64 -19.01
CA THR A 184 28.20 -9.94 -19.28
C THR A 184 27.33 -11.06 -18.72
N ARG A 185 26.85 -10.91 -17.48
CA ARG A 185 25.97 -11.90 -16.88
C ARG A 185 24.85 -11.20 -16.13
N ILE A 186 23.67 -11.81 -16.18
CA ILE A 186 22.47 -11.29 -15.53
C ILE A 186 21.85 -12.42 -14.73
N LEU A 187 21.74 -12.23 -13.43
CA LEU A 187 21.24 -13.24 -12.50
C LEU A 187 19.84 -12.86 -12.03
N GLU A 188 19.12 -13.85 -11.51
CA GLU A 188 17.81 -13.64 -10.92
C GLU A 188 17.93 -13.75 -9.40
N TYR A 189 17.18 -12.90 -8.70
CA TYR A 189 17.20 -12.85 -7.25
C TYR A 189 15.77 -12.78 -6.75
N ALA A 190 15.33 -13.84 -6.09
CA ALA A 190 13.97 -13.94 -5.56
C ALA A 190 14.05 -14.34 -4.09
N PRO A 191 14.52 -13.44 -3.24
CA PRO A 191 14.70 -13.79 -1.83
C PRO A 191 13.41 -14.16 -1.13
N CYS A 192 12.27 -13.70 -1.63
CA CYS A 192 10.98 -14.01 -1.05
C CYS A 192 10.31 -15.21 -1.71
N ARG A 193 10.97 -15.86 -2.66
CA ARG A 193 10.44 -17.07 -3.27
C ARG A 193 10.99 -18.30 -2.54
N SER A 194 10.72 -18.35 -1.24
CA SER A 194 11.21 -19.40 -0.38
C SER A 194 10.20 -20.54 -0.32
N ASP A 195 10.39 -21.47 0.62
CA ASP A 195 9.52 -22.63 0.74
C ASP A 195 8.25 -22.36 1.54
N PHE A 196 8.14 -21.19 2.18
CA PHE A 196 6.95 -20.84 2.92
C PHE A 196 5.91 -20.32 1.93
N SER A 197 4.83 -21.08 1.73
CA SER A 197 4.01 -20.92 0.54
C SER A 197 3.01 -19.77 0.67
N TRP A 198 2.09 -19.88 1.63
CA TRP A 198 0.91 -19.03 1.65
C TRP A 198 1.25 -17.64 2.20
N ALA A 199 0.22 -16.84 2.46
CA ALA A 199 0.43 -15.50 2.98
C ALA A 199 1.06 -15.52 4.37
N ALA A 200 0.81 -16.58 5.15
CA ALA A 200 1.44 -16.70 6.45
C ALA A 200 2.96 -16.77 6.34
N GLY A 201 3.46 -17.26 5.22
CA GLY A 201 4.87 -17.23 4.92
C GLY A 201 5.24 -16.01 4.12
N GLN A 202 6.32 -16.12 3.34
CA GLN A 202 6.78 -15.04 2.48
C GLN A 202 6.12 -15.06 1.11
N GLY A 203 4.98 -15.74 0.97
CA GLY A 203 4.38 -15.89 -0.35
C GLY A 203 3.92 -14.58 -0.95
N TYR A 204 3.23 -13.74 -0.15
CA TYR A 204 2.74 -12.46 -0.62
C TYR A 204 3.69 -11.32 -0.31
N CYS A 205 4.99 -11.62 -0.17
CA CYS A 205 5.94 -10.62 0.28
C CYS A 205 6.09 -9.48 -0.71
N GLN A 206 5.99 -9.77 -2.01
CA GLN A 206 6.18 -8.78 -3.07
C GLN A 206 7.55 -8.11 -2.95
N GLY A 207 8.60 -8.92 -2.82
CA GLY A 207 9.94 -8.37 -2.73
C GLY A 207 10.30 -7.61 -3.98
N GLY A 208 11.16 -6.61 -3.80
CA GLY A 208 11.51 -5.70 -4.87
C GLY A 208 10.59 -4.50 -4.98
N PHE A 209 9.57 -4.41 -4.14
CA PHE A 209 8.73 -3.22 -4.11
C PHE A 209 9.53 -1.96 -3.84
N SER A 210 10.66 -2.09 -3.15
CA SER A 210 11.61 -1.01 -2.96
C SER A 210 12.99 -1.64 -2.83
N ALA A 211 14.00 -0.94 -3.34
CA ALA A 211 15.34 -1.51 -3.36
C ALA A 211 16.37 -0.40 -3.32
N GLU A 212 17.58 -0.77 -2.93
CA GLU A 212 18.66 0.22 -2.83
C GLU A 212 20.01 -0.49 -2.87
N PHE A 213 21.02 0.25 -3.33
CA PHE A 213 22.40 -0.18 -3.25
C PHE A 213 23.13 0.63 -2.18
N THR A 214 23.98 -0.06 -1.42
CA THR A 214 24.78 0.61 -0.41
C THR A 214 26.11 1.05 -1.01
N LYS A 215 27.02 1.53 -0.17
CA LYS A 215 28.32 1.97 -0.66
C LYS A 215 29.14 0.80 -1.19
N THR A 216 29.06 -0.35 -0.54
CA THR A 216 29.85 -1.52 -0.92
C THR A 216 29.09 -2.44 -1.88
N GLY A 217 28.05 -1.96 -2.55
CA GLY A 217 27.31 -2.76 -3.49
C GLY A 217 26.31 -3.72 -2.89
N ARG A 218 26.13 -3.71 -1.57
CA ARG A 218 25.17 -4.59 -0.93
C ARG A 218 23.76 -4.24 -1.38
N VAL A 219 22.99 -5.26 -1.74
CA VAL A 219 21.65 -5.07 -2.29
C VAL A 219 20.63 -5.18 -1.17
N VAL A 220 19.71 -4.21 -1.10
CA VAL A 220 18.67 -4.19 -0.09
C VAL A 220 17.32 -4.17 -0.79
N LEU A 221 16.43 -5.08 -0.38
CA LEU A 221 15.08 -5.18 -0.89
C LEU A 221 14.08 -5.02 0.27
N GLY A 222 12.89 -4.56 -0.07
CA GLY A 222 11.83 -4.46 0.92
C GLY A 222 10.53 -5.07 0.45
N GLY A 223 10.02 -6.05 1.18
CA GLY A 223 8.78 -6.70 0.83
C GLY A 223 7.69 -6.38 1.83
N PRO A 224 6.71 -5.57 1.40
CA PRO A 224 5.66 -5.14 2.34
C PRO A 224 4.71 -6.24 2.74
N GLY A 225 4.46 -7.22 1.87
CA GLY A 225 3.43 -8.19 2.14
C GLY A 225 3.85 -9.45 2.87
N SER A 226 5.08 -9.55 3.33
CA SER A 226 5.53 -10.76 4.00
C SER A 226 4.88 -10.91 5.36
N TYR A 227 4.58 -12.16 5.74
CA TYR A 227 4.02 -12.49 7.04
C TYR A 227 2.74 -11.70 7.32
N PHE A 228 1.74 -11.92 6.47
CA PHE A 228 0.45 -11.22 6.55
C PHE A 228 0.66 -9.71 6.57
N TRP A 229 1.43 -9.22 5.60
CA TRP A 229 1.66 -7.79 5.40
C TRP A 229 2.34 -7.15 6.60
N GLN A 230 3.12 -7.94 7.35
CA GLN A 230 3.98 -7.34 8.38
C GLN A 230 5.14 -6.58 7.76
N GLY A 231 5.61 -7.02 6.60
CA GLY A 231 6.76 -6.38 5.97
C GLY A 231 8.06 -7.08 6.33
N GLN A 232 9.07 -6.82 5.51
CA GLN A 232 10.36 -7.47 5.67
C GLN A 232 11.42 -6.68 4.91
N ILE A 233 12.64 -6.67 5.45
CA ILE A 233 13.79 -6.10 4.79
C ILE A 233 14.79 -7.22 4.55
N LEU A 234 15.16 -7.43 3.30
CA LEU A 234 16.10 -8.47 2.93
C LEU A 234 17.37 -7.83 2.39
N SER A 235 18.51 -8.44 2.67
CA SER A 235 19.78 -7.90 2.24
C SER A 235 20.68 -9.02 1.75
N ALA A 236 21.49 -8.71 0.74
CA ALA A 236 22.45 -9.67 0.20
C ALA A 236 23.47 -8.99 -0.69
N THR A 237 24.74 -9.32 -0.52
CA THR A 237 25.76 -8.80 -1.42
C THR A 237 25.67 -9.54 -2.77
N GLN A 238 26.17 -8.86 -3.80
CA GLN A 238 26.11 -9.43 -5.15
C GLN A 238 26.93 -10.71 -5.25
N GLU A 239 28.05 -10.76 -4.54
CA GLU A 239 28.92 -11.94 -4.60
C GLU A 239 28.21 -13.17 -4.04
N GLN A 240 27.45 -13.00 -2.96
CA GLN A 240 26.69 -14.12 -2.41
C GLN A 240 25.64 -14.62 -3.39
N ILE A 241 24.94 -13.70 -4.05
CA ILE A 241 23.94 -14.10 -5.04
C ILE A 241 24.60 -14.87 -6.17
N ALA A 242 25.75 -14.37 -6.65
CA ALA A 242 26.45 -15.06 -7.74
C ALA A 242 26.90 -16.45 -7.31
N GLU A 243 27.46 -16.56 -6.10
CA GLU A 243 27.95 -17.86 -5.62
C GLU A 243 26.82 -18.86 -5.46
N SER A 244 25.72 -18.44 -4.85
CA SER A 244 24.61 -19.34 -4.56
C SER A 244 23.60 -19.43 -5.69
N TYR A 245 23.87 -18.78 -6.83
CA TYR A 245 22.94 -18.82 -7.94
C TYR A 245 22.84 -20.24 -8.50
N TYR A 246 21.62 -20.66 -8.81
CA TYR A 246 21.38 -22.00 -9.33
C TYR A 246 20.08 -22.02 -10.10
N PRO A 247 20.13 -21.71 -11.41
CA PRO A 247 18.88 -21.53 -12.17
C PRO A 247 18.06 -22.79 -12.34
N GLU A 248 18.64 -23.97 -12.13
CA GLU A 248 17.91 -25.21 -12.36
C GLU A 248 16.71 -25.32 -11.43
N TYR A 249 16.86 -24.91 -10.18
CA TYR A 249 15.79 -24.96 -9.20
C TYR A 249 15.17 -23.58 -9.03
N LEU A 250 13.84 -23.55 -8.90
CA LEU A 250 13.16 -22.28 -8.67
C LEU A 250 13.44 -21.76 -7.26
N ILE A 251 13.45 -22.63 -6.27
CA ILE A 251 13.69 -22.26 -4.89
C ILE A 251 15.19 -22.27 -4.65
N ASN A 252 15.75 -21.10 -4.30
CA ASN A 252 17.18 -20.96 -4.13
C ASN A 252 17.45 -20.16 -2.87
N LEU A 253 18.24 -20.73 -1.96
CA LEU A 253 18.54 -20.13 -0.67
C LEU A 253 19.92 -19.49 -0.73
N VAL A 254 19.95 -18.17 -0.66
CA VAL A 254 21.21 -17.44 -0.72
C VAL A 254 21.89 -17.50 0.64
N GLN A 255 23.09 -18.05 0.68
CA GLN A 255 23.82 -18.16 1.94
C GLN A 255 24.22 -16.78 2.46
N GLY A 256 24.17 -16.62 3.78
CA GLY A 256 24.56 -15.37 4.39
C GLY A 256 23.55 -14.25 4.26
N GLN A 257 22.34 -14.56 3.78
CA GLN A 257 21.33 -13.52 3.60
C GLN A 257 20.85 -13.00 4.95
N LEU A 258 20.65 -11.69 5.02
CA LEU A 258 20.15 -11.02 6.22
C LEU A 258 18.70 -10.64 6.01
N GLN A 259 17.86 -10.90 7.01
CA GLN A 259 16.45 -10.60 6.91
C GLN A 259 15.86 -10.46 8.30
N THR A 260 14.73 -9.75 8.37
CA THR A 260 13.98 -9.68 9.61
C THR A 260 13.15 -10.94 9.81
N ARG A 261 12.78 -11.20 11.05
CA ARG A 261 12.05 -12.40 11.42
C ARG A 261 10.58 -12.09 11.64
N GLN A 262 9.78 -13.14 11.72
CA GLN A 262 8.34 -12.99 11.91
C GLN A 262 8.04 -12.57 13.34
N ALA A 263 7.19 -11.56 13.48
CA ALA A 263 6.80 -11.03 14.77
C ALA A 263 5.40 -11.53 15.13
N SER A 264 4.94 -11.15 16.31
CA SER A 264 3.63 -11.58 16.78
C SER A 264 2.53 -10.93 15.95
N SER A 265 1.31 -11.44 16.12
CA SER A 265 0.19 -10.98 15.31
C SER A 265 -0.24 -9.56 15.63
N ILE A 266 0.28 -8.97 16.72
CA ILE A 266 -0.03 -7.58 17.04
C ILE A 266 0.37 -6.67 15.88
N TYR A 267 1.53 -6.93 15.29
CA TYR A 267 2.12 -6.05 14.28
C TYR A 267 1.70 -6.40 12.86
N ASP A 268 0.52 -7.01 12.68
CA ASP A 268 0.07 -7.32 11.33
C ASP A 268 -0.31 -6.05 10.58
N ASP A 269 -0.24 -6.15 9.25
CA ASP A 269 -0.62 -5.05 8.35
C ASP A 269 0.20 -3.79 8.65
N SER A 270 1.49 -3.97 8.89
CA SER A 270 2.36 -2.81 9.12
C SER A 270 2.94 -2.27 7.82
N TYR A 271 3.01 -3.09 6.78
CA TYR A 271 3.61 -2.71 5.50
C TYR A 271 5.04 -2.22 5.67
N LEU A 272 5.81 -2.93 6.49
CA LEU A 272 7.22 -2.59 6.64
C LEU A 272 7.94 -2.81 5.32
N GLY A 273 8.96 -1.98 5.08
CA GLY A 273 9.67 -2.05 3.82
C GLY A 273 8.98 -1.36 2.67
N TYR A 274 7.97 -0.54 2.95
CA TYR A 274 7.28 0.19 1.89
C TYR A 274 8.22 1.12 1.15
N SER A 275 9.25 1.63 1.82
CA SER A 275 10.26 2.47 1.20
C SER A 275 11.57 2.29 1.95
N VAL A 276 12.67 2.22 1.21
CA VAL A 276 13.97 1.90 1.77
C VAL A 276 14.98 2.98 1.40
N ALA A 277 15.95 3.18 2.29
CA ALA A 277 17.07 4.07 2.04
C ALA A 277 18.27 3.57 2.84
N VAL A 278 19.41 4.23 2.66
CA VAL A 278 20.62 3.84 3.38
C VAL A 278 21.29 5.09 3.94
N GLY A 279 22.07 4.88 5.00
CA GLY A 279 22.82 5.96 5.61
C GLY A 279 23.53 5.49 6.85
N GLU A 280 24.60 6.20 7.18
CA GLU A 280 25.46 5.85 8.32
C GLU A 280 24.93 6.53 9.58
N PHE A 281 24.30 5.74 10.46
CA PHE A 281 23.76 6.26 11.70
C PHE A 281 24.39 5.66 12.95
N SER A 282 24.83 4.41 12.91
CA SER A 282 25.40 3.74 14.08
C SER A 282 26.70 4.39 14.53
N GLY A 283 27.63 4.58 13.60
CA GLY A 283 28.91 5.16 13.94
C GLY A 283 30.09 4.43 13.35
N ASP A 284 29.82 3.35 12.61
CA ASP A 284 30.85 2.55 11.95
C ASP A 284 30.90 2.91 10.46
N ASP A 285 31.68 2.15 9.70
CA ASP A 285 31.82 2.36 8.28
C ASP A 285 30.82 1.59 7.44
N THR A 286 29.90 0.86 8.07
CA THR A 286 28.91 0.08 7.34
C THR A 286 27.60 0.85 7.25
N GLU A 287 27.06 0.96 6.04
CA GLU A 287 25.83 1.69 5.82
C GLU A 287 24.66 0.97 6.48
N ASP A 288 23.78 1.73 7.10
CA ASP A 288 22.64 1.21 7.86
C ASP A 288 21.35 1.47 7.10
N PHE A 289 20.43 0.51 7.18
CA PHE A 289 19.18 0.58 6.43
C PHE A 289 18.21 1.53 7.10
N VAL A 290 17.29 2.06 6.29
CA VAL A 290 16.19 2.91 6.74
C VAL A 290 14.93 2.38 6.09
N ALA A 291 13.94 2.03 6.90
CA ALA A 291 12.70 1.46 6.39
C ALA A 291 11.51 2.25 6.90
N GLY A 292 10.45 2.26 6.11
CA GLY A 292 9.21 2.95 6.46
C GLY A 292 8.11 1.94 6.76
N VAL A 293 7.30 2.25 7.77
CA VAL A 293 6.20 1.39 8.20
C VAL A 293 4.95 2.26 8.23
N PRO A 294 4.30 2.49 7.09
CA PRO A 294 3.22 3.48 7.05
C PRO A 294 2.02 3.14 7.90
N LYS A 295 1.75 1.87 8.16
CA LYS A 295 0.56 1.47 8.91
C LYS A 295 0.94 0.60 10.11
N GLY A 296 2.02 0.96 10.79
CA GLY A 296 2.49 0.15 11.89
C GLY A 296 1.75 0.34 13.20
N ASN A 297 1.84 1.54 13.76
CA ASN A 297 1.33 1.81 15.11
C ASN A 297 -0.07 2.40 15.00
N LEU A 298 -1.06 1.52 14.91
CA LEU A 298 -2.46 1.92 14.78
C LEU A 298 -2.66 2.89 13.62
N THR A 299 -2.10 2.52 12.47
CA THR A 299 -2.12 3.28 11.22
C THR A 299 -1.49 4.66 11.33
N TYR A 300 -0.81 4.95 12.44
CA TYR A 300 -0.02 6.19 12.51
C TYR A 300 1.23 6.07 11.66
N GLY A 301 1.89 4.92 11.70
CA GLY A 301 3.10 4.70 10.95
C GLY A 301 4.33 5.19 11.69
N TYR A 302 5.49 4.71 11.24
CA TYR A 302 6.76 5.12 11.82
C TYR A 302 7.87 4.80 10.83
N VAL A 303 9.10 5.07 11.26
CA VAL A 303 10.29 4.82 10.44
C VAL A 303 11.33 4.16 11.34
N THR A 304 11.97 3.12 10.84
CA THR A 304 12.94 2.33 11.59
C THR A 304 14.32 2.47 10.99
N ILE A 305 15.33 2.61 11.84
CA ILE A 305 16.73 2.56 11.46
C ILE A 305 17.30 1.25 11.96
N LEU A 306 18.09 0.58 11.12
CA LEU A 306 18.57 -0.76 11.43
C LEU A 306 20.06 -0.77 11.73
N ASN A 307 20.59 -1.86 12.26
CA ASN A 307 22.00 -1.93 12.74
C ASN A 307 22.92 -2.03 11.53
N GLY A 308 22.37 -2.43 10.38
CA GLY A 308 23.16 -2.41 9.18
C GLY A 308 23.98 -3.67 8.96
N SER A 309 24.46 -4.30 10.03
CA SER A 309 25.20 -5.55 9.94
C SER A 309 24.43 -6.75 10.48
N ASP A 310 23.49 -6.53 11.40
CA ASP A 310 22.69 -7.61 11.96
C ASP A 310 21.20 -7.39 11.70
N ILE A 311 20.81 -6.25 11.13
CA ILE A 311 19.41 -5.85 11.00
C ILE A 311 18.76 -5.96 12.38
N ARG A 312 19.26 -5.19 13.32
CA ARG A 312 18.69 -5.08 14.67
C ARG A 312 18.22 -3.65 14.87
N SER A 313 16.98 -3.48 15.30
CA SER A 313 16.39 -2.16 15.37
C SER A 313 17.20 -1.23 16.26
N LEU A 314 17.44 -0.02 15.77
CA LEU A 314 18.23 0.99 16.47
C LEU A 314 17.39 2.17 16.91
N TYR A 315 16.69 2.81 15.99
CA TYR A 315 15.88 3.98 16.30
C TYR A 315 14.52 3.87 15.62
N ASN A 316 13.51 4.39 16.31
CA ASN A 316 12.16 4.50 15.77
C ASN A 316 11.74 5.97 15.79
N PHE A 317 11.02 6.37 14.75
CA PHE A 317 10.48 7.72 14.67
C PHE A 317 9.01 7.63 14.31
N SER A 318 8.14 8.12 15.19
CA SER A 318 6.72 7.92 15.06
C SER A 318 6.08 9.01 14.22
N GLY A 319 4.89 8.71 13.69
CA GLY A 319 4.12 9.68 12.95
C GLY A 319 3.41 10.66 13.86
N GLU A 320 2.74 11.62 13.25
CA GLU A 320 2.09 12.68 14.00
C GLU A 320 0.57 12.63 13.90
N GLN A 321 0.01 12.25 12.77
CA GLN A 321 -1.43 12.20 12.58
C GLN A 321 -1.83 10.85 12.01
N MET A 322 -2.98 10.35 12.44
CA MET A 322 -3.46 9.06 11.95
C MET A 322 -3.74 9.11 10.47
N ALA A 323 -3.39 8.02 9.77
CA ALA A 323 -3.64 7.86 8.35
C ALA A 323 -2.98 8.97 7.53
N SER A 324 -1.80 9.40 7.96
CA SER A 324 -1.01 10.38 7.22
C SER A 324 0.01 9.71 6.32
N TYR A 325 0.09 8.38 6.31
CA TYR A 325 1.09 7.64 5.56
C TYR A 325 2.50 8.17 5.85
N PHE A 326 2.81 8.29 7.13
CA PHE A 326 4.12 8.73 7.57
C PHE A 326 5.11 7.62 7.26
N GLY A 327 5.86 7.78 6.17
CA GLY A 327 6.80 6.76 5.74
C GLY A 327 6.56 6.34 4.31
N TYR A 328 5.81 7.16 3.56
CA TYR A 328 5.56 6.86 2.16
C TYR A 328 6.85 6.90 1.35
N ALA A 329 7.85 7.65 1.82
CA ALA A 329 9.15 7.72 1.18
C ALA A 329 10.13 8.30 2.18
N VAL A 330 11.34 7.74 2.22
CA VAL A 330 12.36 8.13 3.19
C VAL A 330 13.65 8.43 2.45
N ALA A 331 14.51 9.22 3.08
CA ALA A 331 15.79 9.55 2.50
C ALA A 331 16.78 9.91 3.61
N ALA A 332 18.06 9.82 3.29
CA ALA A 332 19.12 10.13 4.24
C ALA A 332 20.20 10.90 3.53
N THR A 333 20.53 12.09 4.05
CA THR A 333 21.58 12.92 3.48
C THR A 333 22.03 13.94 4.51
N ASP A 334 23.22 14.48 4.30
CA ASP A 334 23.83 15.43 5.23
C ASP A 334 23.38 16.83 4.86
N VAL A 335 22.20 17.23 5.36
CA VAL A 335 21.63 18.52 4.98
C VAL A 335 22.42 19.67 5.59
N ASN A 336 22.87 19.53 6.84
CA ASN A 336 23.51 20.63 7.55
C ASN A 336 25.03 20.60 7.44
N GLY A 337 25.59 19.68 6.67
CA GLY A 337 27.02 19.67 6.45
C GLY A 337 27.87 19.41 7.67
N ASP A 338 27.36 18.65 8.64
CA ASP A 338 28.14 18.32 9.83
C ASP A 338 29.01 17.09 9.64
N GLY A 339 28.85 16.37 8.52
CA GLY A 339 29.56 15.13 8.31
C GLY A 339 28.80 13.88 8.72
N LEU A 340 27.62 14.01 9.31
CA LEU A 340 26.80 12.88 9.72
C LEU A 340 25.47 12.94 8.99
N ASP A 341 25.01 11.78 8.52
CA ASP A 341 23.78 11.72 7.73
C ASP A 341 22.58 12.11 8.58
N ASP A 342 21.61 12.75 7.94
CA ASP A 342 20.38 13.21 8.58
C ASP A 342 19.19 12.64 7.85
N LEU A 343 18.07 12.48 8.56
CA LEU A 343 16.94 11.72 8.06
C LEU A 343 15.83 12.63 7.59
N LEU A 344 15.17 12.24 6.49
CA LEU A 344 14.00 12.94 5.97
C LEU A 344 12.90 11.93 5.71
N VAL A 345 11.70 12.21 6.23
CA VAL A 345 10.56 11.30 6.11
C VAL A 345 9.37 12.08 5.58
N GLY A 346 8.69 11.53 4.58
CA GLY A 346 7.57 12.19 3.95
C GLY A 346 6.24 11.55 4.34
N ALA A 347 5.18 12.37 4.34
CA ALA A 347 3.83 11.90 4.63
C ALA A 347 2.87 12.71 3.76
N PRO A 348 2.40 12.13 2.66
CA PRO A 348 1.64 12.93 1.69
C PRO A 348 0.19 13.19 2.09
N LEU A 349 -0.38 12.29 2.89
CA LEU A 349 -1.80 12.37 3.21
C LEU A 349 -2.10 13.20 4.45
N LEU A 350 -1.10 13.83 5.06
CA LEU A 350 -1.34 14.64 6.24
C LEU A 350 -2.22 15.83 5.89
N MET A 351 -3.22 16.08 6.74
CA MET A 351 -4.13 17.20 6.56
C MET A 351 -3.90 18.23 7.65
N ASP A 352 -4.15 19.49 7.32
CA ASP A 352 -4.00 20.58 8.27
C ASP A 352 -5.19 21.52 8.17
N ARG A 353 -5.44 22.22 9.27
CA ARG A 353 -6.53 23.18 9.32
C ARG A 353 -6.14 24.45 8.56
N THR A 354 -7.02 24.90 7.68
CA THR A 354 -6.82 26.19 7.04
C THR A 354 -6.95 27.30 8.07
N PRO A 355 -6.39 28.48 7.78
CA PRO A 355 -6.60 29.61 8.70
C PRO A 355 -8.07 29.89 8.94
N ASP A 356 -8.89 29.72 7.90
CA ASP A 356 -10.33 29.81 8.04
C ASP A 356 -10.84 28.69 8.95
N GLY A 357 -10.36 27.47 8.74
CA GLY A 357 -10.76 26.35 9.57
C GLY A 357 -11.00 25.07 8.80
N ARG A 358 -11.23 25.18 7.50
CA ARG A 358 -11.53 24.02 6.68
C ARG A 358 -10.30 23.10 6.60
N PRO A 359 -10.45 21.82 6.91
CA PRO A 359 -9.30 20.90 6.85
C PRO A 359 -8.96 20.56 5.40
N GLN A 360 -7.71 20.81 5.01
CA GLN A 360 -7.25 20.54 3.66
C GLN A 360 -6.05 19.59 3.72
N GLU A 361 -5.96 18.71 2.74
CA GLU A 361 -4.86 17.76 2.64
C GLU A 361 -3.71 18.41 1.89
N VAL A 362 -2.54 18.48 2.52
CA VAL A 362 -1.39 19.13 1.91
C VAL A 362 -0.20 18.17 1.86
N GLY A 363 0.07 17.50 2.96
CA GLY A 363 1.27 16.69 3.07
C GLY A 363 2.37 17.42 3.82
N ARG A 364 3.26 16.63 4.45
CA ARG A 364 4.30 17.19 5.29
C ARG A 364 5.58 16.37 5.13
N VAL A 365 6.70 17.01 5.44
CA VAL A 365 8.01 16.37 5.42
C VAL A 365 8.71 16.70 6.73
N TYR A 366 9.24 15.68 7.39
CA TYR A 366 9.92 15.83 8.67
C TYR A 366 11.41 15.63 8.46
N VAL A 367 12.22 16.45 9.11
CA VAL A 367 13.66 16.44 8.99
C VAL A 367 14.24 16.28 10.39
N TYR A 368 14.97 15.19 10.61
CA TYR A 368 15.66 14.90 11.85
C TYR A 368 17.16 15.08 11.63
N LEU A 369 17.78 15.91 12.47
CA LEU A 369 19.21 16.12 12.40
C LEU A 369 19.92 15.21 13.40
N GLN A 370 20.96 14.52 12.93
CA GLN A 370 21.72 13.61 13.78
C GLN A 370 22.81 14.41 14.48
N HIS A 371 22.57 14.73 15.75
CA HIS A 371 23.61 15.32 16.58
C HIS A 371 24.71 14.29 16.81
N PRO A 372 25.92 14.73 17.18
CA PRO A 372 27.02 13.78 17.36
C PRO A 372 26.71 12.68 18.35
N ALA A 373 26.04 13.01 19.45
CA ALA A 373 25.65 12.01 20.43
C ALA A 373 24.65 11.02 19.85
N GLY A 374 23.46 11.49 19.48
CA GLY A 374 22.42 10.64 18.96
C GLY A 374 21.41 11.43 18.14
N ILE A 375 20.47 10.70 17.56
CA ILE A 375 19.46 11.28 16.68
C ILE A 375 18.16 11.38 17.47
N GLU A 376 17.70 12.60 17.71
CA GLU A 376 16.58 12.83 18.61
C GLU A 376 15.28 12.34 17.99
N PRO A 377 14.30 11.97 18.83
CA PRO A 377 13.04 11.44 18.29
C PRO A 377 12.00 12.50 17.99
N THR A 378 12.35 13.77 18.16
CA THR A 378 11.44 14.88 17.85
C THR A 378 11.86 15.51 16.53
N PRO A 379 10.97 15.60 15.54
CA PRO A 379 11.36 16.17 14.25
C PRO A 379 11.94 17.56 14.39
N THR A 380 13.16 17.77 13.90
CA THR A 380 13.80 19.06 14.04
C THR A 380 13.14 20.12 13.17
N LEU A 381 12.72 19.78 11.95
CA LEU A 381 12.05 20.78 11.12
C LEU A 381 10.98 20.12 10.26
N THR A 382 9.82 20.77 10.15
CA THR A 382 8.73 20.25 9.32
C THR A 382 8.40 21.24 8.21
N LEU A 383 8.31 20.73 6.98
CA LEU A 383 7.90 21.49 5.82
C LEU A 383 6.49 21.06 5.44
N THR A 384 5.62 22.03 5.20
CA THR A 384 4.22 21.76 4.89
C THR A 384 3.90 22.21 3.48
N GLY A 385 3.09 21.41 2.78
CA GLY A 385 2.69 21.76 1.42
C GLY A 385 1.68 22.90 1.39
N HIS A 386 1.45 23.41 0.19
CA HIS A 386 0.53 24.52 -0.01
C HIS A 386 -0.51 24.28 -1.09
N ASP A 387 -0.55 23.09 -1.69
CA ASP A 387 -1.53 22.78 -2.72
C ASP A 387 -2.47 21.70 -2.19
N GLU A 388 -3.77 21.96 -2.27
CA GLU A 388 -4.75 20.98 -1.82
C GLU A 388 -4.66 19.72 -2.66
N PHE A 389 -4.72 18.58 -1.98
CA PHE A 389 -4.53 17.26 -2.59
C PHE A 389 -3.21 17.16 -3.35
N GLY A 390 -2.20 17.92 -2.93
CA GLY A 390 -0.95 17.98 -3.66
C GLY A 390 -0.04 16.80 -3.49
N ARG A 391 -0.30 15.94 -2.50
CA ARG A 391 0.57 14.79 -2.22
C ARG A 391 2.01 15.24 -2.02
N PHE A 392 2.19 16.35 -1.32
CA PHE A 392 3.54 16.87 -1.07
C PHE A 392 4.35 15.86 -0.28
N GLY A 393 5.62 15.73 -0.65
CA GLY A 393 6.51 14.85 0.08
C GLY A 393 6.34 13.37 -0.21
N SER A 394 5.78 13.01 -1.36
CA SER A 394 5.62 11.61 -1.70
C SER A 394 6.86 11.03 -2.37
N SER A 395 7.90 11.82 -2.59
CA SER A 395 9.15 11.32 -3.15
C SER A 395 10.24 12.34 -2.87
N LEU A 396 11.30 11.92 -2.19
CA LEU A 396 12.39 12.80 -1.80
C LEU A 396 13.69 12.33 -2.44
N THR A 397 14.59 13.29 -2.68
CA THR A 397 15.86 12.94 -3.28
C THR A 397 16.96 13.95 -2.92
N PRO A 398 18.07 13.49 -2.37
CA PRO A 398 19.22 14.39 -2.15
C PRO A 398 19.82 14.80 -3.49
N LEU A 399 20.37 16.01 -3.52
CA LEU A 399 20.87 16.57 -4.75
C LEU A 399 22.36 16.86 -4.74
N GLY A 400 23.05 16.71 -3.62
CA GLY A 400 24.43 17.13 -3.54
C GLY A 400 24.54 18.63 -3.46
N ASP A 401 25.77 19.11 -3.64
CA ASP A 401 26.06 20.56 -3.55
C ASP A 401 25.71 21.24 -4.87
N LEU A 402 24.40 21.31 -5.13
CA LEU A 402 23.92 21.94 -6.36
C LEU A 402 24.35 23.40 -6.43
N ASP A 403 24.10 24.15 -5.36
CA ASP A 403 24.52 25.55 -5.31
C ASP A 403 26.03 25.69 -5.12
N GLN A 404 26.73 24.62 -4.78
CA GLN A 404 28.18 24.62 -4.58
C GLN A 404 28.60 25.66 -3.53
N ASP A 405 27.96 25.56 -2.35
CA ASP A 405 28.28 26.43 -1.25
C ASP A 405 28.75 25.69 0.00
N GLY A 406 28.85 24.37 -0.06
CA GLY A 406 29.27 23.58 1.08
C GLY A 406 28.16 22.91 1.85
N TYR A 407 26.92 22.95 1.35
CA TYR A 407 25.80 22.31 2.01
C TYR A 407 24.96 21.58 0.99
N ASN A 408 24.54 20.37 1.34
CA ASN A 408 23.71 19.57 0.43
C ASN A 408 22.29 20.13 0.36
N ASP A 409 21.62 19.84 -0.75
CA ASP A 409 20.27 20.32 -0.99
C ASP A 409 19.36 19.13 -1.23
N VAL A 410 18.04 19.38 -1.17
CA VAL A 410 17.07 18.30 -1.30
C VAL A 410 16.01 18.69 -2.33
N ALA A 411 15.38 17.68 -2.90
CA ALA A 411 14.31 17.86 -3.87
C ALA A 411 13.12 17.04 -3.44
N ILE A 412 11.95 17.68 -3.38
CA ILE A 412 10.72 17.08 -2.87
C ILE A 412 9.65 17.22 -3.93
N GLY A 413 9.01 16.10 -4.28
CA GLY A 413 8.01 16.12 -5.32
C GLY A 413 6.61 16.35 -4.79
N ALA A 414 5.71 16.67 -5.71
CA ALA A 414 4.28 16.77 -5.42
C ALA A 414 3.56 16.44 -6.71
N PRO A 415 3.08 15.20 -6.84
CA PRO A 415 2.51 14.76 -8.12
C PRO A 415 1.29 15.55 -8.57
N PHE A 416 0.51 16.09 -7.64
CA PHE A 416 -0.75 16.74 -8.00
C PHE A 416 -0.80 18.20 -7.56
N GLY A 417 0.35 18.84 -7.40
CA GLY A 417 0.39 20.25 -7.08
C GLY A 417 0.18 21.11 -8.30
N GLY A 418 0.48 22.39 -8.15
CA GLY A 418 0.38 23.33 -9.25
C GLY A 418 -1.03 23.78 -9.51
N GLU A 419 -1.16 24.77 -10.40
CA GLU A 419 -2.46 25.34 -10.70
C GLU A 419 -3.39 24.33 -11.37
N THR A 420 -2.87 23.57 -12.33
CA THR A 420 -3.68 22.67 -13.14
C THR A 420 -3.56 21.22 -12.71
N GLN A 421 -2.99 20.95 -11.53
CA GLN A 421 -2.85 19.60 -11.01
C GLN A 421 -2.04 18.71 -11.95
N GLN A 422 -0.99 19.25 -12.55
CA GLN A 422 -0.10 18.43 -13.36
C GLN A 422 1.01 17.82 -12.52
N GLY A 423 1.56 18.58 -11.59
CA GLY A 423 2.68 18.14 -10.77
C GLY A 423 3.66 19.28 -10.59
N VAL A 424 4.55 19.12 -9.60
CA VAL A 424 5.52 20.16 -9.28
C VAL A 424 6.64 19.53 -8.48
N VAL A 425 7.82 20.14 -8.52
CA VAL A 425 8.97 19.70 -7.74
C VAL A 425 9.61 20.91 -7.09
N PHE A 426 9.89 20.80 -5.79
CA PHE A 426 10.52 21.88 -5.03
C PHE A 426 11.96 21.51 -4.71
N VAL A 427 12.84 22.50 -4.78
CA VAL A 427 14.25 22.34 -4.45
C VAL A 427 14.55 23.23 -3.26
N PHE A 428 14.87 22.59 -2.13
CA PHE A 428 15.17 23.23 -0.85
C PHE A 428 16.66 23.25 -0.60
N PRO A 429 17.21 24.36 -0.12
CA PRO A 429 18.64 24.45 0.13
C PRO A 429 19.02 24.04 1.55
N GLY A 430 20.30 23.71 1.71
CA GLY A 430 20.84 23.45 3.03
C GLY A 430 21.49 24.68 3.64
N GLY A 431 22.03 24.50 4.84
CA GLY A 431 22.69 25.57 5.53
C GLY A 431 23.14 25.19 6.92
N PRO A 432 23.88 26.08 7.58
CA PRO A 432 24.38 25.77 8.93
C PRO A 432 23.28 25.50 9.93
N GLY A 433 22.14 26.17 9.82
CA GLY A 433 21.05 25.92 10.72
C GLY A 433 20.20 24.72 10.37
N GLY A 434 20.53 24.03 9.28
CA GLY A 434 19.76 22.89 8.82
C GLY A 434 19.15 23.15 7.46
N LEU A 435 18.01 22.52 7.22
CA LEU A 435 17.30 22.68 5.95
C LEU A 435 16.54 23.99 5.94
N GLY A 436 16.57 24.68 4.81
CA GLY A 436 15.80 25.90 4.67
C GLY A 436 14.32 25.63 4.69
N SER A 437 13.55 26.63 5.10
CA SER A 437 12.11 26.49 5.21
C SER A 437 11.35 26.99 3.99
N LYS A 438 12.03 27.62 3.04
CA LYS A 438 11.37 28.16 1.87
C LYS A 438 11.92 27.49 0.61
N PRO A 439 11.06 27.11 -0.34
CA PRO A 439 11.55 26.44 -1.56
C PRO A 439 12.43 27.39 -2.37
N SER A 440 13.70 27.04 -2.47
CA SER A 440 14.62 27.85 -3.27
C SER A 440 14.23 27.84 -4.74
N GLN A 441 13.83 26.69 -5.27
CA GLN A 441 13.49 26.62 -6.69
C GLN A 441 12.23 25.80 -6.89
N VAL A 442 11.47 26.14 -7.94
CA VAL A 442 10.23 25.46 -8.27
C VAL A 442 10.31 25.00 -9.71
N LEU A 443 9.91 23.75 -9.96
CA LEU A 443 9.95 23.17 -11.30
C LEU A 443 8.57 22.62 -11.64
N GLN A 444 8.08 23.00 -12.82
CA GLN A 444 6.78 22.58 -13.33
C GLN A 444 6.90 22.07 -14.75
N PRO A 445 6.00 21.20 -15.19
CA PRO A 445 6.05 20.71 -16.56
C PRO A 445 5.83 21.82 -17.57
N LEU A 446 6.41 21.64 -18.75
CA LEU A 446 6.31 22.62 -19.82
C LEU A 446 5.08 22.40 -20.69
N TRP A 447 4.76 21.15 -21.02
CA TRP A 447 3.69 20.86 -21.95
C TRP A 447 2.32 21.14 -21.32
N ALA A 448 1.33 21.35 -22.19
CA ALA A 448 -0.02 21.65 -21.74
C ALA A 448 -0.66 20.43 -21.09
N ALA A 449 -1.57 20.71 -20.15
CA ALA A 449 -2.23 19.64 -19.42
C ALA A 449 -3.20 18.87 -20.32
N SER A 450 -3.19 17.55 -20.17
CA SER A 450 -4.09 16.66 -20.89
C SER A 450 -5.30 16.32 -20.02
N HIS A 451 -6.10 15.37 -20.48
CA HIS A 451 -7.28 14.95 -19.74
C HIS A 451 -6.97 13.90 -18.67
N THR A 452 -5.72 13.50 -18.53
CA THR A 452 -5.31 12.51 -17.56
C THR A 452 -4.14 13.06 -16.74
N PRO A 453 -4.03 12.67 -15.47
CA PRO A 453 -2.97 13.21 -14.62
C PRO A 453 -1.58 12.90 -15.16
N ASP A 454 -0.68 13.86 -15.01
CA ASP A 454 0.69 13.71 -15.50
C ASP A 454 1.61 13.03 -14.49
N PHE A 455 1.27 13.08 -13.20
CA PHE A 455 2.09 12.47 -12.15
C PHE A 455 3.52 12.99 -12.17
N PHE A 456 3.70 14.24 -12.62
CA PHE A 456 5.03 14.82 -12.68
C PHE A 456 5.63 14.92 -11.28
N GLY A 457 6.89 14.51 -11.17
CA GLY A 457 7.55 14.52 -9.88
C GLY A 457 7.29 13.30 -9.02
N SER A 458 6.67 12.25 -9.56
CA SER A 458 6.40 11.06 -8.79
C SER A 458 7.62 10.15 -8.63
N ALA A 459 8.72 10.44 -9.32
CA ALA A 459 9.92 9.65 -9.21
C ALA A 459 11.12 10.54 -9.52
N LEU A 460 12.04 10.66 -8.57
CA LEU A 460 13.16 11.58 -8.69
C LEU A 460 14.47 10.82 -8.50
N ARG A 461 15.56 11.48 -8.89
CA ARG A 461 16.90 10.96 -8.72
C ARG A 461 17.88 12.09 -8.98
N GLY A 462 18.95 12.15 -8.17
CA GLY A 462 19.90 13.22 -8.33
C GLY A 462 21.20 12.91 -7.62
N GLY A 463 22.12 13.88 -7.68
CA GLY A 463 23.41 13.73 -7.04
C GLY A 463 24.51 13.22 -7.94
N ARG A 464 24.33 13.25 -9.25
CA ARG A 464 25.34 12.79 -10.19
C ARG A 464 25.65 13.88 -11.21
N ASP A 465 26.92 13.96 -11.59
CA ASP A 465 27.36 14.92 -12.61
C ASP A 465 27.23 14.30 -14.01
N LEU A 466 25.98 14.30 -14.50
CA LEU A 466 25.64 13.61 -15.73
C LEU A 466 26.46 14.11 -16.92
N ASP A 467 26.51 15.42 -17.12
CA ASP A 467 27.25 15.97 -18.25
C ASP A 467 28.75 15.98 -17.97
N GLY A 468 29.15 16.47 -16.80
CA GLY A 468 30.55 16.60 -16.47
C GLY A 468 30.94 18.04 -16.21
N ASN A 469 29.94 18.92 -16.14
CA ASN A 469 30.15 20.34 -15.92
C ASN A 469 30.55 20.65 -14.49
N GLY A 470 30.66 19.64 -13.63
CA GLY A 470 31.03 19.85 -12.24
C GLY A 470 29.89 20.08 -11.29
N TYR A 471 28.66 20.23 -11.78
CA TYR A 471 27.53 20.38 -10.89
C TYR A 471 26.60 19.18 -11.03
N PRO A 472 25.91 18.79 -9.97
CA PRO A 472 24.99 17.65 -10.06
C PRO A 472 23.75 18.01 -10.87
N ASP A 473 23.07 16.97 -11.35
CA ASP A 473 21.91 17.10 -12.21
C ASP A 473 20.74 16.33 -11.62
N LEU A 474 19.56 16.54 -12.19
CA LEU A 474 18.32 15.98 -11.65
C LEU A 474 17.53 15.34 -12.79
N ILE A 475 16.73 14.32 -12.45
CA ILE A 475 15.88 13.66 -13.43
C ILE A 475 14.53 13.40 -12.79
N VAL A 476 13.45 13.74 -13.51
CA VAL A 476 12.09 13.72 -12.98
C VAL A 476 11.21 12.89 -13.89
N GLY A 477 10.42 11.99 -13.30
CA GLY A 477 9.54 11.13 -14.06
C GLY A 477 8.13 11.68 -14.16
N SER A 478 7.51 11.46 -15.32
CA SER A 478 6.18 11.95 -15.65
C SER A 478 5.40 10.82 -16.34
N PHE A 479 5.35 9.66 -15.67
CA PHE A 479 4.79 8.46 -16.28
C PHE A 479 3.31 8.58 -16.61
N GLY A 480 2.62 9.60 -16.10
CA GLY A 480 1.22 9.77 -16.45
C GLY A 480 1.01 9.94 -17.95
N VAL A 481 1.93 10.62 -18.62
CA VAL A 481 1.91 10.77 -20.06
C VAL A 481 3.16 10.18 -20.68
N ASP A 482 3.87 9.32 -19.95
CA ASP A 482 5.06 8.61 -20.43
C ASP A 482 6.16 9.60 -20.83
N LYS A 483 6.63 10.35 -19.84
CA LYS A 483 7.72 11.30 -20.06
C LYS A 483 8.78 11.13 -18.97
N ALA A 484 9.99 11.60 -19.28
CA ALA A 484 11.07 11.62 -18.30
C ALA A 484 11.98 12.79 -18.65
N VAL A 485 12.00 13.80 -17.81
CA VAL A 485 12.74 15.01 -18.09
C VAL A 485 14.04 15.00 -17.30
N VAL A 486 15.04 15.72 -17.80
CA VAL A 486 16.35 15.81 -17.18
C VAL A 486 16.75 17.27 -17.10
N TYR A 487 17.06 17.74 -15.90
CA TYR A 487 17.54 19.09 -15.66
C TYR A 487 19.02 19.07 -15.33
N ARG A 488 19.75 20.05 -15.83
CA ARG A 488 21.19 20.14 -15.66
C ARG A 488 21.56 21.38 -14.86
N GLY A 489 22.63 21.29 -14.08
CA GLY A 489 23.13 22.44 -13.36
C GLY A 489 23.84 23.42 -14.26
N ARG A 490 24.07 24.62 -13.73
CA ARG A 490 24.71 25.68 -14.48
C ARG A 490 26.22 25.57 -14.46
N ASP B 140 -43.00 17.14 12.71
CA ASP B 140 -41.73 16.57 13.14
C ASP B 140 -40.73 16.50 11.98
N TYR B 141 -39.45 16.45 12.32
CA TYR B 141 -38.41 16.46 11.31
C TYR B 141 -38.44 15.15 10.51
N PRO B 142 -38.26 15.23 9.19
CA PRO B 142 -38.06 14.01 8.40
C PRO B 142 -36.62 13.55 8.43
N ILE B 143 -36.41 12.25 8.22
CA ILE B 143 -35.11 11.64 8.36
C ILE B 143 -34.91 10.59 7.27
N ASP B 144 -33.67 10.45 6.82
CA ASP B 144 -33.27 9.44 5.84
C ASP B 144 -32.05 8.69 6.35
N LEU B 145 -32.10 7.37 6.27
CA LEU B 145 -31.04 6.55 6.85
C LEU B 145 -30.62 5.47 5.85
N TYR B 146 -29.32 5.25 5.74
CA TYR B 146 -28.78 4.22 4.85
C TYR B 146 -27.82 3.33 5.64
N TYR B 147 -27.92 2.03 5.41
CA TYR B 147 -27.22 1.02 6.21
C TYR B 147 -26.15 0.38 5.35
N LEU B 148 -24.89 0.62 5.70
CA LEU B 148 -23.76 0.05 4.96
C LEU B 148 -23.24 -1.16 5.73
N MET B 149 -23.44 -2.35 5.19
CA MET B 149 -23.06 -3.59 5.84
C MET B 149 -21.75 -4.12 5.28
N ASP B 150 -20.89 -4.61 6.16
CA ASP B 150 -19.69 -5.32 5.76
C ASP B 150 -20.00 -6.82 5.66
N LEU B 151 -19.54 -7.46 4.60
CA LEU B 151 -19.83 -8.87 4.39
C LEU B 151 -18.57 -9.69 4.13
N SER B 152 -17.42 -9.27 4.64
CA SER B 152 -16.23 -10.09 4.53
C SER B 152 -16.39 -11.36 5.36
N TYR B 153 -15.47 -12.30 5.18
CA TYR B 153 -15.63 -13.60 5.82
C TYR B 153 -15.55 -13.50 7.33
N SER B 154 -14.96 -12.43 7.87
CA SER B 154 -14.90 -12.26 9.31
C SER B 154 -16.25 -11.95 9.94
N MET B 155 -17.29 -11.82 9.12
CA MET B 155 -18.62 -11.51 9.61
C MET B 155 -19.48 -12.72 9.89
N LYS B 156 -18.92 -13.94 9.79
CA LYS B 156 -19.71 -15.13 10.07
C LYS B 156 -20.20 -15.15 11.50
N ASP B 157 -19.44 -14.56 12.42
CA ASP B 157 -19.83 -14.50 13.82
C ASP B 157 -20.66 -13.26 14.15
N ASP B 158 -20.83 -12.34 13.21
CA ASP B 158 -21.52 -11.08 13.47
C ASP B 158 -22.70 -10.83 12.55
N LEU B 159 -23.03 -11.77 11.67
CA LEU B 159 -24.12 -11.56 10.73
C LEU B 159 -25.45 -11.43 11.47
N GLU B 160 -25.66 -12.26 12.50
CA GLU B 160 -26.91 -12.19 13.25
C GLU B 160 -27.07 -10.84 13.93
N ASN B 161 -25.98 -10.31 14.48
CA ASN B 161 -26.04 -9.00 15.12
C ASN B 161 -26.38 -7.91 14.11
N VAL B 162 -25.81 -7.97 12.91
CA VAL B 162 -26.10 -6.97 11.89
C VAL B 162 -27.57 -7.05 11.47
N LYS B 163 -28.09 -8.27 11.27
CA LYS B 163 -29.50 -8.41 10.91
C LYS B 163 -30.41 -7.90 12.01
N SER B 164 -30.10 -8.22 13.27
CA SER B 164 -30.90 -7.71 14.38
C SER B 164 -30.84 -6.19 14.43
N LEU B 165 -29.66 -5.62 14.15
CA LEU B 165 -29.53 -4.18 14.14
C LEU B 165 -30.39 -3.55 13.05
N GLY B 166 -30.44 -4.19 11.87
CA GLY B 166 -31.30 -3.67 10.82
C GLY B 166 -32.76 -3.70 11.20
N THR B 167 -33.23 -4.85 11.69
CA THR B 167 -34.63 -5.01 12.05
C THR B 167 -34.99 -4.28 13.33
N ASP B 168 -34.00 -3.75 14.05
CA ASP B 168 -34.25 -2.87 15.18
C ASP B 168 -34.17 -1.40 14.82
N LEU B 169 -33.33 -1.01 13.86
CA LEU B 169 -33.36 0.35 13.33
C LEU B 169 -34.69 0.64 12.66
N MET B 170 -35.18 -0.29 11.84
CA MET B 170 -36.45 -0.06 11.16
C MET B 170 -37.58 0.16 12.15
N ASN B 171 -37.76 -0.79 13.06
CA ASN B 171 -38.89 -0.79 13.98
C ASN B 171 -38.75 0.23 15.10
N GLU B 172 -37.60 0.88 15.22
CA GLU B 172 -37.42 1.98 16.15
C GLU B 172 -37.64 3.32 15.47
N MET B 173 -37.03 3.54 14.31
CA MET B 173 -37.19 4.82 13.62
C MET B 173 -38.58 4.93 13.01
N ARG B 174 -39.33 3.85 12.93
CA ARG B 174 -40.72 3.98 12.49
C ARG B 174 -41.62 4.37 13.65
N ARG B 175 -41.02 4.88 14.73
CA ARG B 175 -41.80 5.30 15.88
C ARG B 175 -41.51 6.72 16.33
N ILE B 176 -40.39 7.33 15.93
CA ILE B 176 -40.04 8.67 16.36
C ILE B 176 -40.18 9.70 15.24
N THR B 177 -40.34 9.26 13.99
CA THR B 177 -40.41 10.19 12.87
C THR B 177 -41.65 10.07 12.01
N SER B 178 -42.13 8.85 11.71
CA SER B 178 -43.37 8.62 10.96
C SER B 178 -43.26 9.05 9.51
N ASP B 179 -42.11 9.57 9.09
CA ASP B 179 -41.86 9.96 7.71
C ASP B 179 -40.38 9.79 7.42
N PHE B 180 -40.02 8.64 6.84
CA PHE B 180 -38.62 8.29 6.67
C PHE B 180 -38.51 7.22 5.60
N ARG B 181 -37.30 7.09 5.06
CA ARG B 181 -36.99 6.04 4.08
C ARG B 181 -35.61 5.48 4.42
N ILE B 182 -35.47 4.15 4.28
CA ILE B 182 -34.18 3.50 4.51
C ILE B 182 -33.90 2.48 3.41
N GLY B 183 -32.61 2.17 3.25
CA GLY B 183 -32.12 1.16 2.33
C GLY B 183 -30.74 0.76 2.80
N PHE B 184 -30.20 -0.29 2.18
CA PHE B 184 -28.91 -0.81 2.63
C PHE B 184 -28.07 -1.29 1.46
N GLY B 185 -26.78 -1.50 1.74
CA GLY B 185 -25.83 -1.99 0.76
C GLY B 185 -24.81 -2.92 1.39
N SER B 186 -23.78 -3.32 0.63
CA SER B 186 -22.77 -4.25 1.13
C SER B 186 -21.48 -4.05 0.36
N PHE B 187 -20.39 -4.60 0.91
CA PHE B 187 -19.05 -4.42 0.36
C PHE B 187 -18.12 -5.43 1.02
N VAL B 188 -17.08 -5.84 0.29
CA VAL B 188 -16.00 -6.59 0.91
C VAL B 188 -14.64 -5.94 0.65
N GLU B 189 -14.23 -5.85 -0.60
CA GLU B 189 -12.84 -5.49 -0.92
C GLU B 189 -12.71 -5.34 -2.42
N LYS B 190 -11.64 -4.66 -2.84
CA LYS B 190 -11.32 -4.56 -4.26
C LYS B 190 -10.95 -5.93 -4.81
N THR B 191 -11.22 -6.11 -6.11
CA THR B 191 -10.92 -7.37 -6.79
C THR B 191 -9.69 -7.19 -7.66
N VAL B 192 -8.51 -7.29 -7.03
CA VAL B 192 -7.24 -7.22 -7.74
C VAL B 192 -6.30 -8.30 -7.20
N MET B 193 -5.06 -8.30 -7.68
CA MET B 193 -4.15 -9.40 -7.39
C MET B 193 -3.86 -9.60 -5.90
N PRO B 194 -3.45 -8.58 -5.13
CA PRO B 194 -2.99 -8.86 -3.76
C PRO B 194 -4.13 -9.08 -2.77
N TYR B 195 -5.23 -8.34 -2.92
CA TYR B 195 -6.26 -8.31 -1.90
C TYR B 195 -7.13 -9.55 -1.88
N ILE B 196 -7.26 -10.26 -3.01
CA ILE B 196 -8.03 -11.49 -3.08
C ILE B 196 -7.20 -12.55 -3.76
N SER B 197 -7.58 -13.81 -3.51
CA SER B 197 -6.91 -14.94 -4.14
C SER B 197 -7.38 -15.04 -5.58
N THR B 198 -6.43 -14.94 -6.52
CA THR B 198 -6.77 -14.89 -7.94
C THR B 198 -6.79 -16.25 -8.61
N THR B 199 -6.57 -17.33 -7.87
CA THR B 199 -6.62 -18.64 -8.47
C THR B 199 -8.04 -18.93 -8.97
N PRO B 200 -8.19 -19.65 -10.09
CA PRO B 200 -9.54 -19.88 -10.62
C PRO B 200 -10.47 -20.59 -9.67
N ALA B 201 -9.95 -21.52 -8.85
CA ALA B 201 -10.82 -22.24 -7.92
C ALA B 201 -11.37 -21.31 -6.85
N LYS B 202 -10.54 -20.42 -6.32
CA LYS B 202 -10.97 -19.56 -5.21
C LYS B 202 -11.81 -18.37 -5.65
N LEU B 203 -11.85 -18.06 -6.95
CA LEU B 203 -12.74 -16.99 -7.40
C LEU B 203 -14.19 -17.38 -7.20
N ARG B 204 -14.53 -18.66 -7.38
CA ARG B 204 -15.90 -19.11 -7.20
C ARG B 204 -16.28 -19.19 -5.72
N ASN B 205 -15.40 -19.72 -4.87
CA ASN B 205 -15.65 -19.87 -3.44
C ASN B 205 -14.46 -19.34 -2.67
N PRO B 206 -14.41 -18.03 -2.41
CA PRO B 206 -13.26 -17.46 -1.69
C PRO B 206 -13.11 -17.99 -0.28
N CYS B 207 -14.17 -18.56 0.30
CA CYS B 207 -14.09 -19.11 1.65
C CYS B 207 -13.57 -20.54 1.59
N THR B 208 -13.71 -21.26 2.70
CA THR B 208 -13.27 -22.64 2.78
C THR B 208 -14.12 -23.54 1.89
N SER B 209 -13.59 -24.72 1.61
CA SER B 209 -14.33 -25.68 0.78
C SER B 209 -15.58 -26.18 1.48
N GLU B 210 -15.61 -26.14 2.81
CA GLU B 210 -16.79 -26.60 3.53
C GLU B 210 -17.97 -25.65 3.35
N GLN B 211 -17.75 -24.35 3.53
CA GLN B 211 -18.80 -23.37 3.38
C GLN B 211 -18.98 -23.02 1.91
N ASN B 212 -20.09 -22.34 1.59
CA ASN B 212 -20.39 -22.01 0.20
C ASN B 212 -19.86 -20.63 -0.17
N CYS B 213 -20.38 -19.59 0.48
CA CYS B 213 -19.96 -18.21 0.25
C CYS B 213 -20.23 -17.73 -1.17
N THR B 214 -20.22 -16.41 -1.37
CA THR B 214 -20.38 -15.83 -2.69
C THR B 214 -19.10 -15.12 -3.11
N SER B 215 -18.93 -14.96 -4.41
CA SER B 215 -17.72 -14.33 -4.94
C SER B 215 -17.63 -12.87 -4.49
N PRO B 216 -16.42 -12.36 -4.30
CA PRO B 216 -16.26 -11.01 -3.76
C PRO B 216 -16.77 -9.94 -4.72
N PHE B 217 -17.16 -8.81 -4.13
CA PHE B 217 -17.68 -7.67 -4.88
C PHE B 217 -17.32 -6.39 -4.14
N SER B 218 -16.76 -5.41 -4.85
CA SER B 218 -16.24 -4.23 -4.19
C SER B 218 -17.34 -3.44 -3.48
N TYR B 219 -18.50 -3.29 -4.14
CA TYR B 219 -19.63 -2.61 -3.55
C TYR B 219 -20.88 -2.96 -4.33
N LYS B 220 -22.01 -3.03 -3.65
CA LYS B 220 -23.25 -3.48 -4.28
C LYS B 220 -24.43 -2.87 -3.55
N ASN B 221 -25.03 -1.84 -4.13
CA ASN B 221 -26.24 -1.25 -3.58
C ASN B 221 -27.42 -2.19 -3.86
N VAL B 222 -27.93 -2.83 -2.82
CA VAL B 222 -28.94 -3.85 -2.99
C VAL B 222 -30.36 -3.28 -2.93
N LEU B 223 -30.62 -2.39 -1.98
CA LEU B 223 -31.95 -1.79 -1.85
C LEU B 223 -31.82 -0.28 -1.77
N SER B 224 -32.50 0.42 -2.67
CA SER B 224 -32.55 1.88 -2.63
C SER B 224 -33.50 2.32 -1.53
N LEU B 225 -33.49 3.62 -1.23
CA LEU B 225 -34.28 4.13 -0.12
C LEU B 225 -35.77 3.97 -0.39
N THR B 226 -36.49 3.45 0.59
CA THR B 226 -37.93 3.23 0.47
C THR B 226 -38.51 3.12 1.87
N ASN B 227 -39.82 3.31 1.96
CA ASN B 227 -40.49 3.39 3.25
C ASN B 227 -41.21 2.12 3.65
N LYS B 228 -41.49 1.22 2.72
CA LYS B 228 -42.20 -0.03 3.03
C LYS B 228 -41.23 -0.96 3.76
N GLY B 229 -41.44 -1.11 5.07
CA GLY B 229 -40.55 -1.88 5.91
C GLY B 229 -40.49 -3.37 5.61
N GLU B 230 -41.55 -3.96 5.07
CA GLU B 230 -41.53 -5.38 4.76
C GLU B 230 -40.43 -5.70 3.76
N VAL B 231 -40.27 -4.84 2.74
CA VAL B 231 -39.21 -5.04 1.75
C VAL B 231 -37.85 -5.01 2.43
N PHE B 232 -37.63 -4.04 3.32
CA PHE B 232 -36.34 -3.92 3.98
C PHE B 232 -36.05 -5.15 4.83
N ASN B 233 -37.03 -5.59 5.62
CA ASN B 233 -36.81 -6.77 6.45
C ASN B 233 -36.51 -8.00 5.62
N GLU B 234 -37.31 -8.23 4.56
CA GLU B 234 -37.11 -9.43 3.76
C GLU B 234 -35.78 -9.40 3.03
N LEU B 235 -35.34 -8.23 2.58
CA LEU B 235 -34.07 -8.16 1.87
C LEU B 235 -32.88 -8.29 2.82
N VAL B 236 -32.99 -7.75 4.04
CA VAL B 236 -31.89 -7.91 4.99
C VAL B 236 -31.79 -9.37 5.43
N GLY B 237 -32.93 -10.04 5.58
CA GLY B 237 -32.90 -11.41 6.09
C GLY B 237 -32.29 -12.43 5.15
N LYS B 238 -32.07 -12.07 3.89
CA LYS B 238 -31.57 -13.00 2.89
C LYS B 238 -30.12 -12.78 2.51
N GLN B 239 -29.40 -11.90 3.21
CA GLN B 239 -28.02 -11.63 2.86
C GLN B 239 -27.12 -12.83 3.17
N ARG B 240 -26.06 -12.97 2.38
CA ARG B 240 -25.09 -14.05 2.53
C ARG B 240 -23.69 -13.46 2.57
N ILE B 241 -22.78 -14.23 3.17
CA ILE B 241 -21.44 -13.75 3.44
C ILE B 241 -20.55 -13.99 2.23
N SER B 242 -19.45 -13.23 2.17
CA SER B 242 -18.49 -13.33 1.07
C SER B 242 -17.09 -13.37 1.64
N GLY B 243 -16.14 -13.86 0.83
CA GLY B 243 -14.79 -14.06 1.27
C GLY B 243 -13.84 -12.92 0.92
N ASN B 244 -12.65 -12.98 1.50
CA ASN B 244 -11.60 -12.00 1.28
C ASN B 244 -10.33 -12.54 1.90
N LEU B 245 -9.19 -11.94 1.54
CA LEU B 245 -7.89 -12.42 2.01
C LEU B 245 -7.31 -11.57 3.15
N ASP B 246 -7.13 -10.28 2.92
CA ASP B 246 -6.46 -9.44 3.91
C ASP B 246 -7.44 -8.95 4.97
N SER B 247 -6.90 -8.72 6.17
CA SER B 247 -7.76 -8.37 7.30
C SER B 247 -8.52 -7.06 7.10
N PRO B 248 -7.91 -5.95 6.73
CA PRO B 248 -8.69 -4.73 6.50
C PRO B 248 -9.61 -4.89 5.30
N GLU B 249 -10.74 -4.18 5.34
CA GLU B 249 -11.70 -4.21 4.26
C GLU B 249 -11.82 -2.82 3.64
N GLY B 250 -12.11 -2.79 2.34
CA GLY B 250 -12.19 -1.54 1.62
C GLY B 250 -13.57 -0.92 1.63
N GLY B 251 -14.01 -0.45 2.80
CA GLY B 251 -15.29 0.20 2.90
C GLY B 251 -15.31 1.64 2.47
N PHE B 252 -14.13 2.26 2.31
CA PHE B 252 -14.10 3.67 1.94
C PHE B 252 -14.60 3.89 0.52
N ASP B 253 -14.38 2.94 -0.37
CA ASP B 253 -15.00 3.04 -1.70
C ASP B 253 -16.52 3.07 -1.58
N ALA B 254 -17.07 2.21 -0.72
CA ALA B 254 -18.51 2.18 -0.52
C ALA B 254 -19.01 3.51 0.05
N ILE B 255 -18.30 4.05 1.04
CA ILE B 255 -18.72 5.31 1.63
C ILE B 255 -18.69 6.43 0.60
N MET B 256 -17.62 6.48 -0.22
CA MET B 256 -17.52 7.51 -1.24
C MET B 256 -18.64 7.39 -2.26
N GLN B 257 -18.93 6.16 -2.71
CA GLN B 257 -19.98 5.97 -3.70
C GLN B 257 -21.34 6.34 -3.12
N VAL B 258 -21.59 5.99 -1.86
CA VAL B 258 -22.84 6.36 -1.21
C VAL B 258 -22.96 7.88 -1.12
N ALA B 259 -21.87 8.55 -0.76
CA ALA B 259 -21.91 10.00 -0.64
C ALA B 259 -22.11 10.69 -1.97
N VAL B 260 -21.50 10.18 -3.05
CA VAL B 260 -21.48 10.94 -4.30
C VAL B 260 -22.67 10.59 -5.20
N CYS B 261 -23.02 9.31 -5.30
CA CYS B 261 -24.12 8.87 -6.15
C CYS B 261 -25.43 9.23 -5.47
N GLY B 262 -25.93 10.42 -5.74
CA GLY B 262 -27.11 10.90 -5.05
C GLY B 262 -28.42 10.38 -5.61
N SER B 263 -28.69 10.60 -6.89
CA SER B 263 -29.99 10.23 -7.45
C SER B 263 -30.20 8.71 -7.41
N LEU B 264 -29.16 7.94 -7.71
CA LEU B 264 -29.31 6.50 -7.80
C LEU B 264 -29.72 5.89 -6.46
N ILE B 265 -29.08 6.30 -5.37
CA ILE B 265 -29.45 5.80 -4.06
C ILE B 265 -30.81 6.36 -3.63
N GLY B 266 -31.03 7.65 -3.83
CA GLY B 266 -32.30 8.25 -3.51
C GLY B 266 -32.23 9.30 -2.42
N TRP B 267 -31.06 9.92 -2.25
CA TRP B 267 -30.91 10.96 -1.24
C TRP B 267 -31.82 12.14 -1.55
N ARG B 268 -32.35 12.76 -0.49
CA ARG B 268 -33.23 13.90 -0.62
C ARG B 268 -32.64 15.07 0.16
N ASN B 269 -33.26 16.24 0.02
CA ASN B 269 -32.83 17.43 0.74
C ASN B 269 -33.42 17.39 2.13
N VAL B 270 -32.81 16.56 2.98
CA VAL B 270 -33.31 16.25 4.30
C VAL B 270 -32.16 15.67 5.09
N THR B 271 -32.26 15.70 6.42
CA THR B 271 -31.19 15.18 7.25
C THR B 271 -30.88 13.75 6.88
N ARG B 272 -29.61 13.45 6.68
CA ARG B 272 -29.15 12.15 6.19
C ARG B 272 -28.31 11.46 7.25
N LEU B 273 -28.48 10.15 7.37
CA LEU B 273 -27.75 9.34 8.33
C LEU B 273 -27.16 8.13 7.61
N LEU B 274 -25.96 7.72 8.04
CA LEU B 274 -25.26 6.61 7.42
C LEU B 274 -24.66 5.76 8.54
N VAL B 275 -25.13 4.52 8.67
CA VAL B 275 -24.65 3.61 9.69
C VAL B 275 -23.71 2.61 9.03
N PHE B 276 -22.50 2.51 9.57
CA PHE B 276 -21.43 1.73 8.96
C PHE B 276 -21.04 0.60 9.91
N SER B 277 -21.34 -0.63 9.54
CA SER B 277 -21.05 -1.81 10.35
C SER B 277 -19.82 -2.51 9.78
N THR B 278 -18.87 -2.83 10.66
CA THR B 278 -17.65 -3.48 10.21
C THR B 278 -17.05 -4.29 11.35
N ASP B 279 -16.35 -5.36 10.99
CA ASP B 279 -15.61 -6.18 11.94
C ASP B 279 -14.10 -6.11 11.71
N ALA B 280 -13.65 -5.22 10.83
CA ALA B 280 -12.25 -5.18 10.44
C ALA B 280 -11.83 -3.73 10.24
N GLY B 281 -10.55 -3.53 9.94
CA GLY B 281 -10.03 -2.21 9.70
C GLY B 281 -10.47 -1.64 8.37
N PHE B 282 -9.70 -0.69 7.84
CA PHE B 282 -10.07 -0.03 6.59
C PHE B 282 -8.82 0.33 5.82
N HIS B 283 -8.94 0.29 4.49
CA HIS B 283 -7.90 0.80 3.61
C HIS B 283 -8.09 2.29 3.40
N PHE B 284 -7.05 2.93 2.86
CA PHE B 284 -7.14 4.32 2.43
C PHE B 284 -6.09 4.54 1.35
N ALA B 285 -5.94 5.80 0.93
CA ALA B 285 -5.07 6.10 -0.20
C ALA B 285 -3.64 5.66 0.08
N GLY B 286 -3.01 5.08 -0.93
CA GLY B 286 -1.67 4.57 -0.83
C GLY B 286 -1.58 3.06 -0.76
N ASP B 287 -2.65 2.38 -0.37
CA ASP B 287 -2.63 0.92 -0.38
C ASP B 287 -2.69 0.38 -1.79
N GLY B 288 -3.46 1.03 -2.67
CA GLY B 288 -3.66 0.53 -4.02
C GLY B 288 -2.40 0.38 -4.83
N LYS B 289 -1.33 1.10 -4.47
CA LYS B 289 -0.09 0.96 -5.20
C LYS B 289 0.48 -0.45 -5.08
N LEU B 290 0.08 -1.20 -4.05
CA LEU B 290 0.46 -2.61 -3.99
C LEU B 290 -0.12 -3.40 -5.15
N GLY B 291 -1.37 -3.11 -5.51
CA GLY B 291 -2.05 -3.80 -6.58
C GLY B 291 -1.90 -3.17 -7.95
N GLY B 292 -0.99 -2.22 -8.10
CA GLY B 292 -0.80 -1.56 -9.38
C GLY B 292 -1.79 -0.46 -9.69
N ILE B 293 -2.52 0.04 -8.68
CA ILE B 293 -3.47 1.12 -8.86
C ILE B 293 -2.85 2.40 -8.32
N VAL B 294 -2.75 3.42 -9.17
CA VAL B 294 -2.10 4.66 -8.79
C VAL B 294 -2.97 5.89 -8.98
N LEU B 295 -4.01 5.85 -9.80
CA LEU B 295 -4.86 7.02 -9.99
C LEU B 295 -5.66 7.28 -8.72
N PRO B 296 -5.57 8.46 -8.12
CA PRO B 296 -6.37 8.73 -6.92
C PRO B 296 -7.85 8.71 -7.24
N ASN B 297 -8.63 8.32 -6.24
CA ASN B 297 -10.08 8.27 -6.41
C ASN B 297 -10.60 9.67 -6.70
N ASP B 298 -11.14 9.87 -7.90
CA ASP B 298 -11.57 11.20 -8.32
C ASP B 298 -12.79 11.69 -7.55
N GLY B 299 -13.47 10.82 -6.82
CA GLY B 299 -14.66 11.22 -6.11
C GLY B 299 -15.92 11.33 -6.95
N GLN B 300 -15.94 10.78 -8.14
CA GLN B 300 -17.13 10.84 -8.96
C GLN B 300 -17.99 9.56 -8.86
N CYS B 301 -19.26 9.69 -9.25
CA CYS B 301 -20.21 8.58 -9.21
C CYS B 301 -20.00 7.67 -10.41
N HIS B 302 -19.75 6.39 -10.13
CA HIS B 302 -19.50 5.38 -11.14
C HIS B 302 -20.31 4.11 -10.85
N LEU B 303 -21.60 4.27 -10.57
CA LEU B 303 -22.43 3.11 -10.28
C LEU B 303 -23.07 2.59 -11.57
N GLU B 304 -22.97 1.29 -11.79
CA GLU B 304 -23.57 0.67 -12.96
C GLU B 304 -24.28 -0.60 -12.52
N ASN B 305 -25.58 -0.68 -12.85
CA ASN B 305 -26.41 -1.85 -12.52
C ASN B 305 -26.35 -2.16 -11.03
N ASN B 306 -26.41 -1.12 -10.20
CA ASN B 306 -26.37 -1.25 -8.74
C ASN B 306 -25.13 -2.02 -8.30
N MET B 307 -23.99 -1.67 -8.88
CA MET B 307 -22.73 -2.31 -8.55
C MET B 307 -21.59 -1.38 -8.89
N TYR B 308 -20.50 -1.48 -8.14
CA TYR B 308 -19.32 -0.67 -8.38
C TYR B 308 -18.44 -1.38 -9.40
N THR B 309 -18.13 -0.69 -10.51
CA THR B 309 -17.40 -1.30 -11.61
C THR B 309 -15.99 -0.76 -11.79
N MET B 310 -15.67 0.38 -11.19
CA MET B 310 -14.34 0.98 -11.33
C MET B 310 -13.47 0.72 -10.11
N SER B 311 -13.62 -0.43 -9.47
CA SER B 311 -12.79 -0.75 -8.31
C SER B 311 -11.33 -0.94 -8.71
N HIS B 312 -11.08 -1.63 -9.82
CA HIS B 312 -9.72 -1.89 -10.26
C HIS B 312 -9.03 -0.67 -10.83
N TYR B 313 -9.77 0.40 -11.10
CA TYR B 313 -9.23 1.55 -11.82
C TYR B 313 -8.86 2.73 -10.93
N TYR B 314 -9.44 2.81 -9.72
CA TYR B 314 -9.22 3.96 -8.86
C TYR B 314 -8.72 3.51 -7.49
N ASP B 315 -7.87 4.33 -6.90
CA ASP B 315 -7.29 4.04 -5.59
C ASP B 315 -8.34 4.25 -4.50
N TYR B 316 -8.01 3.80 -3.30
CA TYR B 316 -8.88 4.05 -2.16
C TYR B 316 -8.89 5.54 -1.83
N PRO B 317 -10.03 6.08 -1.41
CA PRO B 317 -10.09 7.51 -1.09
C PRO B 317 -9.36 7.82 0.20
N SER B 318 -8.62 8.93 0.21
CA SER B 318 -7.93 9.35 1.41
C SER B 318 -8.93 9.88 2.43
N ILE B 319 -8.46 10.07 3.66
CA ILE B 319 -9.36 10.51 4.72
C ILE B 319 -9.87 11.91 4.44
N ALA B 320 -9.05 12.76 3.83
CA ALA B 320 -9.49 14.12 3.51
C ALA B 320 -10.60 14.10 2.47
N HIS B 321 -10.51 13.20 1.49
CA HIS B 321 -11.55 13.12 0.48
C HIS B 321 -12.89 12.74 1.10
N LEU B 322 -12.89 11.74 1.98
CA LEU B 322 -14.12 11.35 2.67
C LEU B 322 -14.64 12.49 3.54
N VAL B 323 -13.75 13.18 4.26
CA VAL B 323 -14.19 14.29 5.10
C VAL B 323 -14.87 15.36 4.24
N GLN B 324 -14.24 15.72 3.13
CA GLN B 324 -14.80 16.77 2.27
C GLN B 324 -16.13 16.35 1.68
N LYS B 325 -16.22 15.11 1.18
CA LYS B 325 -17.46 14.67 0.55
C LYS B 325 -18.59 14.58 1.56
N LEU B 326 -18.34 14.03 2.74
CA LEU B 326 -19.38 13.93 3.75
C LEU B 326 -19.79 15.31 4.26
N SER B 327 -18.83 16.23 4.43
CA SER B 327 -19.17 17.57 4.86
C SER B 327 -19.96 18.32 3.80
N GLU B 328 -19.72 18.04 2.53
CA GLU B 328 -20.51 18.67 1.48
C GLU B 328 -21.90 18.10 1.38
N ASN B 329 -22.05 16.77 1.46
CA ASN B 329 -23.37 16.17 1.27
C ASN B 329 -24.25 16.27 2.49
N ASN B 330 -23.75 16.79 3.61
CA ASN B 330 -24.51 16.88 4.86
C ASN B 330 -25.00 15.49 5.29
N ILE B 331 -24.02 14.63 5.55
CA ILE B 331 -24.27 13.26 5.99
C ILE B 331 -23.52 13.03 7.29
N GLN B 332 -24.22 12.53 8.30
CA GLN B 332 -23.62 12.20 9.58
C GLN B 332 -23.43 10.69 9.67
N THR B 333 -22.25 10.28 10.12
CA THR B 333 -21.85 8.87 10.10
C THR B 333 -21.82 8.32 11.51
N ILE B 334 -22.38 7.14 11.69
CA ILE B 334 -22.38 6.42 12.96
C ILE B 334 -21.79 5.04 12.71
N PHE B 335 -20.62 4.79 13.28
CA PHE B 335 -19.90 3.54 13.07
C PHE B 335 -20.34 2.52 14.11
N ALA B 336 -21.00 1.46 13.66
CA ALA B 336 -21.38 0.35 14.53
C ALA B 336 -20.31 -0.72 14.42
N VAL B 337 -19.17 -0.45 15.04
CA VAL B 337 -18.00 -1.32 14.92
C VAL B 337 -17.99 -2.30 16.08
N THR B 338 -17.23 -3.38 15.91
CA THR B 338 -17.05 -4.34 17.00
C THR B 338 -16.20 -3.73 18.11
N GLU B 339 -16.29 -4.34 19.29
CA GLU B 339 -15.64 -3.77 20.47
C GLU B 339 -14.13 -3.72 20.32
N GLU B 340 -13.53 -4.76 19.73
CA GLU B 340 -12.09 -4.81 19.62
C GLU B 340 -11.50 -3.63 18.86
N PHE B 341 -12.18 -3.15 17.82
CA PHE B 341 -11.71 -2.01 17.06
C PHE B 341 -12.24 -0.68 17.59
N GLN B 342 -12.72 -0.65 18.82
CA GLN B 342 -13.15 0.62 19.41
C GLN B 342 -12.07 1.70 19.39
N PRO B 343 -10.79 1.44 19.73
CA PRO B 343 -9.82 2.54 19.77
C PRO B 343 -9.61 3.22 18.43
N VAL B 344 -9.25 2.44 17.41
CA VAL B 344 -8.86 3.04 16.12
C VAL B 344 -9.99 3.90 15.57
N TYR B 345 -11.20 3.34 15.51
CA TYR B 345 -12.33 4.10 14.99
C TYR B 345 -12.60 5.32 15.84
N LYS B 346 -12.44 5.20 17.16
CA LYS B 346 -12.59 6.37 18.02
C LYS B 346 -11.63 7.47 17.60
N GLU B 347 -10.38 7.11 17.31
CA GLU B 347 -9.44 8.10 16.81
C GLU B 347 -9.95 8.71 15.50
N LEU B 348 -10.49 7.85 14.62
CA LEU B 348 -11.08 8.37 13.39
C LEU B 348 -12.23 9.32 13.68
N LYS B 349 -12.95 9.10 14.77
CA LYS B 349 -14.04 10.00 15.14
C LYS B 349 -13.52 11.41 15.36
N ASN B 350 -12.27 11.55 15.79
CA ASN B 350 -11.69 12.88 15.95
C ASN B 350 -11.52 13.57 14.60
N LEU B 351 -11.14 12.80 13.57
CA LEU B 351 -10.84 13.41 12.28
C LEU B 351 -12.11 13.84 11.54
N ILE B 352 -13.14 13.00 11.55
CA ILE B 352 -14.36 13.25 10.81
C ILE B 352 -15.31 14.05 11.71
N PRO B 353 -15.64 15.29 11.36
CA PRO B 353 -16.58 16.06 12.18
C PRO B 353 -17.99 15.49 12.11
N LYS B 354 -18.72 15.65 13.21
CA LYS B 354 -20.11 15.22 13.33
C LYS B 354 -20.25 13.74 12.99
N SER B 355 -19.50 12.92 13.71
CA SER B 355 -19.58 11.47 13.57
C SER B 355 -19.58 10.83 14.95
N ALA B 356 -20.17 9.66 15.06
CA ALA B 356 -20.27 8.95 16.32
C ALA B 356 -19.87 7.50 16.13
N VAL B 357 -19.45 6.87 17.22
CA VAL B 357 -19.02 5.48 17.20
C VAL B 357 -19.69 4.74 18.35
N GLY B 358 -20.40 3.66 18.03
CA GLY B 358 -20.98 2.80 19.04
C GLY B 358 -20.39 1.42 18.97
N THR B 359 -21.00 0.45 19.66
CA THR B 359 -20.52 -0.92 19.65
C THR B 359 -21.58 -1.83 19.06
N LEU B 360 -21.14 -2.87 18.38
CA LEU B 360 -22.02 -3.81 17.70
C LEU B 360 -22.06 -5.13 18.47
N SER B 361 -23.25 -5.55 18.86
CA SER B 361 -23.44 -6.79 19.62
C SER B 361 -24.92 -7.14 19.56
N ALA B 362 -25.30 -8.21 20.27
CA ALA B 362 -26.72 -8.61 20.38
C ALA B 362 -27.48 -7.48 21.08
N ASN B 363 -26.88 -6.85 22.09
CA ASN B 363 -27.50 -5.65 22.69
C ASN B 363 -27.14 -4.45 21.81
N SER B 364 -28.05 -4.10 20.91
CA SER B 364 -27.82 -3.07 19.86
C SER B 364 -28.15 -1.69 20.41
N SER B 365 -28.43 -1.59 21.72
CA SER B 365 -29.03 -0.37 22.24
C SER B 365 -28.13 0.84 22.05
N ASN B 366 -26.81 0.64 21.97
CA ASN B 366 -25.91 1.78 21.91
C ASN B 366 -26.10 2.59 20.63
N VAL B 367 -26.07 1.93 19.48
CA VAL B 367 -26.21 2.66 18.22
C VAL B 367 -27.63 3.18 18.06
N ILE B 368 -28.62 2.47 18.61
CA ILE B 368 -29.99 2.97 18.57
C ILE B 368 -30.09 4.27 19.35
N GLN B 369 -29.48 4.32 20.54
CA GLN B 369 -29.51 5.55 21.32
C GLN B 369 -28.70 6.65 20.64
N LEU B 370 -27.64 6.27 19.92
CA LEU B 370 -26.92 7.27 19.14
C LEU B 370 -27.80 7.87 18.05
N ILE B 371 -28.59 7.03 17.39
CA ILE B 371 -29.54 7.52 16.39
C ILE B 371 -30.55 8.46 17.04
N ILE B 372 -31.07 8.07 18.21
CA ILE B 372 -32.05 8.91 18.89
C ILE B 372 -31.45 10.25 19.29
N ASP B 373 -30.22 10.23 19.79
CA ASP B 373 -29.54 11.47 20.17
C ASP B 373 -29.32 12.36 18.96
N ALA B 374 -28.88 11.78 17.84
CA ALA B 374 -28.68 12.57 16.63
C ALA B 374 -29.99 13.18 16.15
N TYR B 375 -31.08 12.42 16.22
CA TYR B 375 -32.37 12.93 15.79
C TYR B 375 -32.85 14.06 16.68
N ASN B 376 -32.73 13.89 18.00
CA ASN B 376 -33.25 14.87 18.93
C ASN B 376 -32.44 16.16 18.96
N SER B 377 -31.21 16.14 18.42
CA SER B 377 -30.36 17.32 18.44
C SER B 377 -30.58 18.24 17.25
N LEU B 378 -31.46 17.87 16.32
CA LEU B 378 -31.71 18.69 15.15
C LEU B 378 -32.43 19.98 15.55
N SER B 379 -32.19 21.03 14.77
CA SER B 379 -32.82 22.31 15.00
C SER B 379 -33.06 23.06 13.70
N GLU C 23 5.33 -29.93 17.95
CA GLU C 23 4.27 -28.95 18.16
C GLU C 23 3.61 -28.55 16.84
N VAL C 24 2.40 -28.01 16.93
CA VAL C 24 1.64 -27.58 15.77
C VAL C 24 1.26 -26.11 15.97
N GLU C 25 1.55 -25.29 14.97
CA GLU C 25 1.17 -23.88 15.00
C GLU C 25 -0.03 -23.68 14.07
N VAL C 26 -1.14 -23.24 14.63
CA VAL C 26 -2.37 -22.97 13.88
C VAL C 26 -2.63 -21.48 13.95
N HIS C 27 -2.35 -20.78 12.84
CA HIS C 27 -2.35 -19.32 12.88
C HIS C 27 -3.76 -18.74 12.77
N GLY C 28 -4.40 -18.92 11.62
CA GLY C 28 -5.73 -18.38 11.40
C GLY C 28 -5.84 -16.88 11.63
N ARG C 29 -4.95 -16.10 11.01
CA ARG C 29 -4.89 -14.66 11.28
C ARG C 29 -5.41 -13.80 10.14
N GLY C 30 -5.87 -14.39 9.04
CA GLY C 30 -6.36 -13.63 7.91
C GLY C 30 -7.72 -13.02 8.16
N ASP C 31 -8.46 -12.78 7.08
CA ASP C 31 -9.85 -12.34 7.19
C ASP C 31 -10.73 -13.56 7.38
N ILE C 32 -10.66 -14.12 8.59
CA ILE C 32 -11.49 -15.25 8.98
C ILE C 32 -12.11 -14.94 10.33
N PRO C 33 -13.26 -15.53 10.63
CA PRO C 33 -13.92 -15.27 11.91
C PRO C 33 -13.06 -15.76 13.07
N ARG C 34 -13.18 -15.06 14.19
CA ARG C 34 -12.61 -15.52 15.45
C ARG C 34 -13.43 -16.64 16.06
N SER C 35 -14.67 -16.82 15.61
CA SER C 35 -15.55 -17.85 16.11
C SER C 35 -15.19 -19.24 15.59
N SER C 36 -14.37 -19.31 14.54
CA SER C 36 -13.84 -20.60 14.10
C SER C 36 -12.59 -20.97 14.88
N LEU C 37 -11.64 -20.02 15.02
CA LEU C 37 -10.42 -20.28 15.77
C LEU C 37 -10.75 -20.73 17.18
N GLU C 38 -11.67 -20.03 17.85
CA GLU C 38 -12.11 -20.42 19.18
C GLU C 38 -12.61 -21.86 19.22
N LEU C 39 -13.37 -22.29 18.20
CA LEU C 39 -13.82 -23.67 18.16
C LEU C 39 -12.65 -24.63 18.24
N PHE C 40 -11.55 -24.32 17.54
CA PHE C 40 -10.35 -25.15 17.63
C PHE C 40 -9.92 -25.30 19.09
N GLU C 41 -9.84 -24.19 19.81
CA GLU C 41 -9.41 -24.24 21.20
C GLU C 41 -10.38 -25.07 22.03
N LYS C 42 -11.65 -25.14 21.62
CA LYS C 42 -12.58 -26.06 22.27
C LYS C 42 -12.22 -27.50 21.98
N VAL C 43 -12.03 -27.83 20.70
CA VAL C 43 -11.78 -29.23 20.31
C VAL C 43 -10.47 -29.72 20.92
N ALA C 44 -9.44 -28.89 20.88
CA ALA C 44 -8.18 -29.24 21.53
C ALA C 44 -8.40 -29.46 23.03
N LYS C 45 -9.24 -28.64 23.65
CA LYS C 45 -9.54 -28.84 25.05
C LYS C 45 -10.42 -30.07 25.29
N GLU C 46 -11.11 -30.55 24.25
CA GLU C 46 -11.97 -31.73 24.38
C GLU C 46 -11.18 -33.01 24.58
N LEU C 47 -10.01 -33.13 23.95
CA LEU C 47 -9.19 -34.32 24.09
C LEU C 47 -8.17 -34.20 25.21
N GLY C 48 -8.21 -33.12 25.99
CA GLY C 48 -7.40 -33.00 27.20
C GLY C 48 -5.90 -32.87 26.98
N LEU C 49 -5.47 -31.90 26.16
CA LEU C 49 -4.05 -31.71 25.91
C LEU C 49 -3.67 -30.24 25.95
N LYS C 50 -2.44 -29.93 25.55
CA LYS C 50 -1.90 -28.59 25.73
C LYS C 50 -2.61 -27.57 24.83
N VAL C 51 -2.49 -26.30 25.21
CA VAL C 51 -3.01 -25.19 24.42
C VAL C 51 -2.29 -23.92 24.89
N GLU C 52 -1.84 -23.11 23.94
CA GLU C 52 -1.23 -21.81 24.26
C GLU C 52 -1.74 -20.80 23.24
N ARG C 53 -2.32 -19.70 23.72
CA ARG C 53 -2.94 -18.72 22.85
C ARG C 53 -2.19 -17.40 22.89
N ASN C 54 -1.78 -16.93 21.71
CA ASN C 54 -1.35 -15.55 21.51
C ASN C 54 -2.44 -14.83 20.74
N HIS C 55 -2.23 -13.52 20.52
CA HIS C 55 -3.22 -12.71 19.82
C HIS C 55 -3.55 -13.34 18.46
N ARG C 56 -4.80 -13.78 18.31
CA ARG C 56 -5.32 -14.36 17.04
C ARG C 56 -4.41 -15.50 16.60
N THR C 57 -3.86 -16.27 17.54
CA THR C 57 -3.05 -17.44 17.19
C THR C 57 -3.13 -18.45 18.33
N VAL C 58 -3.11 -19.72 17.97
CA VAL C 58 -3.05 -20.79 18.95
C VAL C 58 -1.96 -21.76 18.55
N THR C 59 -1.41 -22.45 19.54
CA THR C 59 -0.35 -23.43 19.31
C THR C 59 -0.45 -24.52 20.36
N VAL C 60 -0.34 -25.77 19.91
CA VAL C 60 -0.44 -26.94 20.77
C VAL C 60 0.87 -27.73 20.63
N LYS C 61 1.38 -28.16 21.78
CA LYS C 61 2.75 -28.70 21.91
C LYS C 61 2.72 -30.23 21.88
N GLY C 62 3.50 -30.85 20.99
CA GLY C 62 3.92 -32.24 21.15
C GLY C 62 2.83 -33.23 21.49
N VAL C 63 1.93 -33.51 20.54
CA VAL C 63 0.72 -34.24 20.90
C VAL C 63 0.82 -35.75 20.70
N SER C 64 0.87 -36.19 19.44
CA SER C 64 1.01 -37.60 19.07
C SER C 64 1.07 -37.67 17.54
N GLU C 65 0.99 -38.86 16.97
CA GLU C 65 0.84 -38.97 15.52
C GLU C 65 -0.63 -38.87 15.09
N GLU C 66 -1.47 -39.73 15.66
CA GLU C 66 -2.89 -39.68 15.33
C GLU C 66 -3.51 -38.35 15.76
N GLN C 67 -3.10 -37.82 16.91
CA GLN C 67 -3.60 -36.53 17.36
C GLN C 67 -3.21 -35.42 16.39
N ILE C 68 -1.97 -35.45 15.89
CA ILE C 68 -1.55 -34.40 14.96
C ILE C 68 -2.35 -34.51 13.66
N ARG C 69 -2.63 -35.75 13.22
CA ARG C 69 -3.46 -35.93 12.04
C ARG C 69 -4.85 -35.35 12.25
N GLU C 70 -5.45 -35.65 13.41
CA GLU C 70 -6.81 -35.20 13.69
C GLU C 70 -6.87 -33.68 13.79
N LEU C 71 -5.90 -33.07 14.49
CA LEU C 71 -5.90 -31.63 14.64
C LEU C 71 -5.67 -30.94 13.29
N GLU C 72 -4.79 -31.50 12.47
CA GLU C 72 -4.57 -30.92 11.14
C GLU C 72 -5.85 -31.00 10.30
N GLU C 73 -6.56 -32.13 10.39
CA GLU C 73 -7.80 -32.30 9.64
C GLU C 73 -8.84 -31.26 10.08
N VAL C 74 -9.01 -31.09 11.39
CA VAL C 74 -10.01 -30.13 11.88
C VAL C 74 -9.62 -28.72 11.50
N ALA C 75 -8.34 -28.38 11.63
CA ALA C 75 -7.88 -27.04 11.28
C ALA C 75 -8.11 -26.75 9.80
N LYS C 76 -7.84 -27.73 8.95
CA LYS C 76 -8.13 -27.57 7.53
C LYS C 76 -9.62 -27.40 7.28
N LYS C 77 -10.44 -28.17 8.00
CA LYS C 77 -11.88 -28.12 7.78
C LYS C 77 -12.48 -26.79 8.21
N LEU C 78 -11.92 -26.17 9.25
CA LEU C 78 -12.39 -24.87 9.71
C LEU C 78 -11.71 -23.71 8.99
N GLY C 79 -10.80 -24.00 8.06
CA GLY C 79 -10.21 -22.96 7.23
C GLY C 79 -9.00 -22.26 7.80
N LEU C 80 -8.36 -22.82 8.82
CA LEU C 80 -7.15 -22.22 9.37
C LEU C 80 -5.92 -22.79 8.68
N TRP C 81 -4.87 -21.97 8.64
CA TRP C 81 -3.60 -22.35 8.03
C TRP C 81 -2.74 -22.99 9.11
N VAL C 82 -2.37 -24.25 8.92
CA VAL C 82 -1.66 -25.03 9.93
C VAL C 82 -0.27 -25.35 9.42
N LEU C 83 0.73 -25.04 10.25
CA LEU C 83 2.12 -25.28 9.91
C LEU C 83 2.59 -26.64 10.45
C1 NAG D . 0.21 -4.73 -26.02
C2 NAG D . -0.72 -3.56 -25.65
C3 NAG D . -2.14 -4.08 -25.57
C4 NAG D . -2.52 -4.72 -26.89
C5 NAG D . -1.53 -5.83 -27.21
C6 NAG D . -1.79 -6.50 -28.54
C7 NAG D . 0.30 -1.74 -24.33
C8 NAG D . 0.56 -1.04 -25.65
N2 NAG D . -0.30 -2.94 -24.42
O3 NAG D . -2.98 -3.00 -25.25
O4 NAG D . -3.84 -5.20 -26.77
O5 NAG D . -0.23 -5.29 -27.24
O6 NAG D . -0.71 -7.34 -28.88
O7 NAG D . 0.64 -1.24 -23.27
C1 NAG D . -4.69 -4.49 -27.71
C2 NAG D . -6.10 -4.44 -27.09
C3 NAG D . -7.03 -3.64 -27.99
C4 NAG D . -6.42 -2.28 -28.32
C5 NAG D . -5.01 -2.49 -28.89
C6 NAG D . -4.31 -1.20 -29.26
C7 NAG D . -6.67 -6.39 -25.69
C8 NAG D . -6.15 -5.61 -24.51
N2 NAG D . -6.60 -5.77 -26.89
O3 NAG D . -8.27 -3.52 -27.34
O4 NAG D . -7.27 -1.64 -29.25
O5 NAG D . -4.24 -3.19 -27.94
O6 NAG D . -3.03 -1.50 -29.79
O7 NAG D . -7.09 -7.53 -25.56
C1 NAG E . 1.64 5.15 18.66
C2 NAG E . 2.76 5.31 19.69
C3 NAG E . 2.24 6.08 20.91
C4 NAG E . 1.58 7.38 20.47
C5 NAG E . 0.51 7.08 19.43
C6 NAG E . -0.18 8.31 18.89
C7 NAG E . 4.51 3.60 19.83
C8 NAG E . 4.83 2.22 20.34
N2 NAG E . 3.27 4.04 20.09
O3 NAG E . 3.35 6.31 21.76
O4 NAG E . 1.04 7.99 21.63
O5 NAG E . 1.12 6.41 18.34
O6 NAG E . 0.79 9.25 18.52
O7 NAG E . 5.34 4.26 19.20
C1 NAG E . 1.76 9.21 21.87
C2 NAG E . 0.79 10.28 22.38
C3 NAG E . 1.55 11.58 22.56
C4 NAG E . 2.74 11.37 23.48
C5 NAG E . 3.58 10.18 23.00
C6 NAG E . 4.73 9.82 23.94
C7 NAG E . -1.60 10.11 21.79
C8 NAG E . -2.61 10.38 20.71
N2 NAG E . -0.33 10.45 21.49
O3 NAG E . 0.67 12.54 23.07
O4 NAG E . 3.50 12.56 23.48
O5 NAG E . 2.76 9.04 22.85
O6 NAG E . 5.30 8.60 23.54
O7 NAG E . -1.92 9.61 22.87
C1 NAG F . 25.82 -2.76 14.69
C2 NAG F . 26.00 -2.54 16.18
C3 NAG F . 27.40 -2.90 16.60
C4 NAG F . 27.80 -4.30 16.18
C5 NAG F . 27.56 -4.45 14.69
C6 NAG F . 27.70 -5.90 14.25
C7 NAG F . 24.81 -0.66 17.17
C8 NAG F . 24.12 -1.62 18.09
N2 NAG F . 25.83 -1.15 16.48
O3 NAG F . 27.48 -2.77 18.02
O4 NAG F . 29.18 -4.52 16.46
O5 NAG F . 26.24 -4.08 14.35
O6 NAG F . 27.06 -6.71 15.24
O7 NAG F . 24.46 0.49 17.06
C1 NAG F . 29.34 -5.46 17.53
C2 NAG F . 30.56 -6.33 17.32
C3 NAG F . 30.65 -7.36 18.43
C4 NAG F . 30.74 -6.61 19.74
C5 NAG F . 29.51 -5.72 19.88
C6 NAG F . 29.61 -4.92 21.17
C7 NAG F . 31.29 -6.62 15.04
C8 NAG F . 31.51 -7.61 13.94
N2 NAG F . 30.52 -7.02 16.04
O3 NAG F . 31.82 -8.15 18.25
O4 NAG F . 30.78 -7.55 20.81
O5 NAG F . 29.46 -4.81 18.80
O6 NAG F . 28.51 -4.00 21.22
O7 NAG F . 31.78 -5.51 15.03
C1 NAG G . 10.90 -0.02 17.18
C2 NAG G . 11.59 -0.68 18.37
C3 NAG G . 11.61 -2.19 18.18
C4 NAG G . 10.20 -2.70 17.94
C5 NAG G . 9.55 -1.92 16.79
C6 NAG G . 8.10 -2.28 16.56
C7 NAG G . 13.34 0.59 19.54
C8 NAG G . 14.79 0.98 19.52
N2 NAG G . 12.94 -0.19 18.53
O3 NAG G . 12.18 -2.75 19.32
O4 NAG G . 10.31 -4.06 17.62
O5 NAG G . 9.60 -0.54 17.09
O6 NAG G . 7.45 -1.20 15.95
O7 NAG G . 12.59 0.97 20.43
C1 NAG G . 9.68 -4.83 18.66
C2 NAG G . 9.23 -6.18 18.10
C3 NAG G . 8.58 -7.00 19.19
C4 NAG G . 9.46 -7.09 20.43
C5 NAG G . 9.97 -5.68 20.82
C6 NAG G . 10.98 -5.65 21.95
C7 NAG G . 8.66 -6.11 15.71
C8 NAG G . 7.54 -5.84 14.73
N2 NAG G . 8.32 -5.97 16.99
O3 NAG G . 8.28 -8.26 18.68
O4 NAG G . 8.65 -7.66 21.43
O5 NAG G . 10.58 -5.08 19.71
O6 NAG G . 11.52 -4.36 22.06
O7 NAG G . 9.78 -6.42 15.33
C1 BMA G . 9.37 -8.71 22.13
C2 BMA G . 8.46 -9.25 23.22
C3 BMA G . 9.26 -10.26 24.07
C4 BMA G . 10.40 -10.98 23.31
C5 BMA G . 10.23 -10.97 21.78
C6 BMA G . 9.38 -12.12 21.27
O2 BMA G . 7.33 -9.82 22.61
O3 BMA G . 8.32 -11.16 24.60
O4 BMA G . 11.59 -10.32 23.69
O5 BMA G . 9.74 -9.75 21.25
O6 BMA G . 10.27 -13.11 20.81
C1 MAN G . 10.81 -12.67 19.55
C2 MAN G . 10.37 -13.67 18.49
C3 MAN G . 10.92 -15.03 18.87
C4 MAN G . 12.43 -14.99 19.05
C5 MAN G . 12.85 -13.83 19.96
C6 MAN G . 14.35 -13.55 19.86
O2 MAN G . 10.89 -13.22 17.27
O3 MAN G . 10.54 -15.92 17.84
O4 MAN G . 12.79 -16.24 19.59
O5 MAN G . 12.21 -12.63 19.59
O6 MAN G . 15.07 -14.73 20.09
C1 MAN G . 9.22 -16.40 18.15
C2 MAN G . 9.38 -17.75 18.84
C3 MAN G . 8.59 -18.82 18.09
C4 MAN G . 7.15 -18.36 17.89
C5 MAN G . 7.14 -17.04 17.12
C6 MAN G . 6.34 -15.98 17.84
O2 MAN G . 8.92 -17.58 20.16
O3 MAN G . 8.67 -20.00 18.84
O4 MAN G . 6.49 -19.39 17.17
O5 MAN G . 8.47 -16.54 16.96
O6 MAN G . 5.22 -15.65 17.06
C1 MAN G . 8.85 -11.69 25.84
C2 MAN G . 8.04 -12.95 26.19
C3 MAN G . 7.59 -12.89 27.64
C4 MAN G . 8.75 -12.48 28.55
C5 MAN G . 9.27 -11.11 28.12
C6 MAN G . 10.78 -11.11 27.98
O2 MAN G . 8.89 -14.04 25.96
O3 MAN G . 7.09 -14.17 27.98
O4 MAN G . 8.25 -12.47 29.87
O5 MAN G . 8.73 -10.74 26.87
O6 MAN G . 11.34 -10.46 29.10
C1 NAG H . 28.59 -1.89 -21.59
C2 NAG H . 29.65 -1.46 -22.60
C3 NAG H . 29.09 -0.33 -23.45
C4 NAG H . 27.74 -0.67 -24.08
C5 NAG H . 26.83 -1.19 -22.96
C6 NAG H . 25.42 -1.62 -23.35
C7 NAG H . 32.10 -1.42 -22.25
C8 NAG H . 32.21 -2.39 -23.39
N2 NAG H . 30.84 -1.03 -21.94
O3 NAG H . 30.07 -0.02 -24.41
O4 NAG H . 27.30 0.57 -24.59
O5 NAG H . 27.45 -2.28 -22.30
O6 NAG H . 25.45 -2.67 -24.26
O7 NAG H . 33.08 -1.02 -21.64
C1 NAG H . 26.74 0.55 -25.95
C2 NAG H . 27.75 -0.03 -26.96
C3 NAG H . 27.11 -0.01 -28.35
C4 NAG H . 25.76 -0.73 -28.33
C5 NAG H . 24.88 -0.15 -27.23
C6 NAG H . 23.54 -0.83 -27.07
C7 NAG H . 30.16 0.24 -27.35
C8 NAG H . 31.31 1.23 -27.30
N2 NAG H . 28.96 0.74 -26.99
O3 NAG H . 27.99 -0.60 -29.25
O4 NAG H . 25.18 -0.56 -29.60
O5 NAG H . 25.58 -0.26 -26.00
O6 NAG H . 22.90 -0.35 -25.92
O7 NAG H . 30.33 -0.91 -27.70
C1 FUC H . 24.89 -3.84 -23.60
C2 FUC H . 23.61 -4.27 -24.32
C3 FUC H . 23.90 -4.86 -25.70
C4 FUC H . 24.93 -5.99 -25.57
C5 FUC H . 26.16 -5.41 -24.90
C6 FUC H . 27.27 -6.44 -24.68
O2 FUC H . 22.75 -3.16 -24.41
O3 FUC H . 22.67 -5.31 -26.21
O4 FUC H . 24.33 -7.03 -24.83
O5 FUC H . 25.82 -4.89 -23.62
CA CA I . 23.89 16.20 9.80
CA CA J . 26.45 2.02 10.35
CA CA K . 23.55 24.01 -0.78
C1 NAG L . -23.70 -23.32 -3.12
C2 NAG L . -23.12 -24.66 -3.60
C3 NAG L . -23.63 -24.98 -5.01
C4 NAG L . -25.15 -24.88 -5.08
C5 NAG L . -25.57 -23.49 -4.55
C6 NAG L . -27.07 -23.27 -4.57
C7 NAG L . -20.95 -25.12 -2.56
C8 NAG L . -19.46 -24.99 -2.74
N2 NAG L . -21.69 -24.64 -3.57
O3 NAG L . -23.18 -26.27 -5.34
O4 NAG L . -25.51 -25.06 -6.42
O5 NAG L . -25.10 -23.34 -3.23
O6 NAG L . -27.53 -23.16 -5.89
O7 NAG L . -21.43 -25.61 -1.54
C1 NAG M . -32.67 19.35 -3.67
C2 NAG M . -33.66 18.99 -4.78
C3 NAG M . -32.89 18.83 -6.08
C4 NAG M . -32.05 20.08 -6.35
C5 NAG M . -31.21 20.44 -5.11
C6 NAG M . -30.39 21.71 -5.27
C7 NAG M . -35.63 17.78 -3.94
C8 NAG M . -36.19 16.40 -3.67
N2 NAG M . -34.39 17.79 -4.45
O3 NAG M . -33.80 18.59 -7.11
O4 NAG M . -31.23 19.79 -7.46
O5 NAG M . -32.06 20.57 -3.99
O6 NAG M . -31.23 22.76 -5.68
O7 NAG M . -36.28 18.78 -3.70
C1 NAG N . -29.72 -3.82 26.19
C2 NAG N . -31.06 -4.44 26.54
C3 NAG N . -31.87 -3.43 27.33
C4 NAG N . -31.11 -2.98 28.54
C5 NAG N . -29.76 -2.40 28.12
C6 NAG N . -28.90 -2.00 29.32
C7 NAG N . -31.81 -6.01 24.82
C8 NAG N . -31.58 -6.09 23.33
N2 NAG N . -31.78 -4.79 25.34
O3 NAG N . -33.08 -4.07 27.75
O4 NAG N . -31.87 -1.99 29.24
O5 NAG N . -29.05 -3.37 27.37
O6 NAG N . -29.47 -0.87 29.97
O7 NAG N . -32.00 -7.01 25.49
MN MN O . -13.27 -8.78 7.56
MN MN P . -16.15 -11.37 13.97
MN MN Q . -9.64 -7.40 3.44
#